data_1N77
#
_entry.id   1N77
#
_cell.length_a   110.689
_cell.length_b   219.124
_cell.length_c   135.215
_cell.angle_alpha   90.00
_cell.angle_beta   90.00
_cell.angle_gamma   90.00
#
_symmetry.space_group_name_H-M   'C 2 2 21'
#
loop_
_entity.id
_entity.type
_entity.pdbx_description
1 polymer tRNA(Glu)
2 polymer 'Glutamyl-tRNA synthetase'
3 non-polymer 'MAGNESIUM ION'
4 non-polymer "ADENOSINE-5'-TRIPHOSPHATE"
5 water water
#
loop_
_entity_poly.entity_id
_entity_poly.type
_entity_poly.pdbx_seq_one_letter_code
_entity_poly.pdbx_strand_id
1 'polyribonucleotide' GGCCCCAUCGUCUAGCGGUUAGGACGCGGCCCUCUCAAGGCCGAAACGGGGGUUCGAUUCCCCCUGGGGUCACCA C,D
2 'polypeptide(L)'
;MVVTRIAPSPTGDPHVGTAYIALFNYAWARRNGGRFIVRIEDTDRARYVPGAEERILAALKWLGLSYDEGPDVGGPHGPY
RQSERLPLYQKYAEELLKRGWAYRAFETPEELEQIRKEKGGYDGRARNIPPEEAEERARRGEPHVIRLKVPRPGTTEVKD
ELRGVVVYDNQEIPDVVLLKSDGYPTYHLANVVDDHLMGVTDVIRAEEWLVSTPIHVLLYRAFGWEAPRFYHMPLLRNPD
KTKISKRKSHTSLDWYKAEGFLPEALRNYLCLMGFSMPDGREIFTLEEFIQAFTWERVSLGGPVFDLEKLRWMNGKYIRE
VLSLEEVAERVKPFLREAGLSWESEAYLRRAVELMRPRFDTLKEFPEKARYLFTEDYPVSEKAQRKLEEGLPLLKELYPR
LRAQEEWTEAALEALLRGFAAEKGVKLGQVAQPLRAALTGSLETPGLFEILALLGKERALRRLERALA
;
A,B
#
# COMPACT_ATOMS: atom_id res chain seq x y z
N MET C 1 58.27 23.55 15.02
CA MET C 1 57.89 23.85 13.61
C MET C 1 56.50 24.47 13.52
N VAL C 2 55.80 24.17 12.43
CA VAL C 2 54.45 24.68 12.25
C VAL C 2 53.52 23.52 12.06
N VAL C 3 52.44 23.53 12.83
CA VAL C 3 51.43 22.48 12.74
C VAL C 3 50.05 23.10 12.60
N THR C 4 49.36 22.80 11.51
CA THR C 4 48.02 23.34 11.28
C THR C 4 47.02 22.19 11.22
N ARG C 5 45.73 22.52 11.13
CA ARG C 5 44.72 21.48 11.04
C ARG C 5 43.38 21.96 10.53
N ILE C 6 42.52 21.00 10.22
CA ILE C 6 41.14 21.26 9.80
C ILE C 6 40.31 20.38 10.71
N ALA C 7 39.20 20.92 11.19
CA ALA C 7 38.33 20.19 12.08
C ALA C 7 36.95 20.06 11.44
N PRO C 8 36.85 19.26 10.36
CA PRO C 8 35.58 19.07 9.67
C PRO C 8 34.55 18.40 10.58
N SER C 9 33.28 18.77 10.38
CA SER C 9 32.19 18.20 11.15
C SER C 9 31.44 17.33 10.15
N PRO C 10 31.29 16.02 10.43
CA PRO C 10 30.57 15.15 9.49
C PRO C 10 29.06 15.34 9.67
N THR C 11 28.51 16.42 9.14
CA THR C 11 27.10 16.69 9.31
C THR C 11 26.40 17.18 8.04
N GLY C 12 26.84 16.68 6.88
CA GLY C 12 26.26 17.10 5.62
C GLY C 12 27.23 16.87 4.48
N ASP C 13 26.91 17.34 3.28
CA ASP C 13 27.80 17.14 2.14
C ASP C 13 29.13 17.86 2.36
N PRO C 14 30.19 17.45 1.64
CA PRO C 14 31.50 18.10 1.78
C PRO C 14 31.29 19.55 1.37
N HIS C 15 31.61 20.46 2.27
CA HIS C 15 31.39 21.88 2.09
C HIS C 15 32.57 22.64 1.51
N VAL C 16 32.31 23.46 0.49
CA VAL C 16 33.36 24.25 -0.15
C VAL C 16 34.06 25.17 0.84
N GLY C 17 33.35 25.57 1.89
CA GLY C 17 33.97 26.43 2.90
C GLY C 17 35.10 25.65 3.58
N THR C 18 34.88 24.36 3.75
CA THR C 18 35.86 23.49 4.38
C THR C 18 37.09 23.38 3.47
N ALA C 19 36.85 23.20 2.19
CA ALA C 19 37.95 23.07 1.23
C ALA C 19 38.78 24.36 1.27
N TYR C 20 38.08 25.48 1.31
CA TYR C 20 38.72 26.79 1.35
C TYR C 20 39.62 26.90 2.58
N ILE C 21 39.08 26.63 3.76
CA ILE C 21 39.89 26.72 4.96
C ILE C 21 41.01 25.69 4.94
N ALA C 22 40.73 24.51 4.41
CA ALA C 22 41.73 23.46 4.34
C ALA C 22 42.87 23.88 3.44
N LEU C 23 42.53 24.54 2.33
CA LEU C 23 43.51 25.01 1.38
C LEU C 23 44.56 25.88 2.03
N PHE C 24 44.11 26.81 2.86
CA PHE C 24 45.03 27.71 3.53
C PHE C 24 45.82 27.08 4.67
N ASN C 25 45.23 26.10 5.35
CA ASN C 25 45.97 25.45 6.42
C ASN C 25 47.04 24.57 5.78
N TYR C 26 46.68 23.92 4.67
CA TYR C 26 47.62 23.06 3.96
C TYR C 26 48.83 23.87 3.50
N ALA C 27 48.56 24.99 2.84
CA ALA C 27 49.63 25.84 2.33
C ALA C 27 50.54 26.39 3.42
N TRP C 28 49.95 26.91 4.48
CA TRP C 28 50.74 27.51 5.56
C TRP C 28 51.69 26.49 6.17
N ALA C 29 51.24 25.25 6.30
CA ALA C 29 52.11 24.23 6.84
C ALA C 29 53.21 23.89 5.85
N ARG C 30 52.84 23.60 4.61
CA ARG C 30 53.83 23.25 3.60
C ARG C 30 54.85 24.38 3.39
N ARG C 31 54.39 25.62 3.40
CA ARG C 31 55.27 26.76 3.22
C ARG C 31 56.34 26.78 4.31
N ASN C 32 55.97 26.39 5.52
CA ASN C 32 56.90 26.36 6.65
C ASN C 32 57.48 24.98 6.93
N GLY C 33 57.38 24.09 5.95
CA GLY C 33 57.87 22.74 6.15
C GLY C 33 57.32 22.13 7.43
N GLY C 34 56.02 22.26 7.65
CA GLY C 34 55.43 21.71 8.86
C GLY C 34 54.45 20.59 8.60
N ARG C 35 53.52 20.39 9.55
CA ARG C 35 52.49 19.35 9.46
C ARG C 35 51.07 19.92 9.34
N PHE C 36 50.23 19.20 8.60
CA PHE C 36 48.84 19.56 8.38
C PHE C 36 47.96 18.40 8.85
N ILE C 37 47.28 18.59 9.97
CA ILE C 37 46.43 17.57 10.58
C ILE C 37 44.96 17.65 10.19
N VAL C 38 44.31 16.48 10.16
CA VAL C 38 42.89 16.39 9.90
C VAL C 38 42.28 15.71 11.12
N ARG C 39 41.37 16.41 11.79
CA ARG C 39 40.69 15.86 12.97
C ARG C 39 39.20 15.97 12.72
N ILE C 40 38.47 14.88 12.94
CA ILE C 40 37.02 14.89 12.69
C ILE C 40 36.23 15.33 13.93
N GLU C 41 35.37 16.31 13.74
CA GLU C 41 34.56 16.80 14.85
C GLU C 41 33.19 16.14 14.84
N ASP C 42 33.14 14.89 15.34
CA ASP C 42 31.88 14.16 15.39
C ASP C 42 31.39 13.99 16.84
N THR C 43 31.21 15.12 17.52
CA THR C 43 30.77 15.12 18.91
C THR C 43 29.31 15.51 19.08
N ASP C 44 28.61 15.77 17.98
CA ASP C 44 27.19 16.12 18.07
C ASP C 44 26.41 14.94 17.54
N ARG C 45 26.05 14.00 18.40
CA ARG C 45 25.37 12.83 17.89
C ARG C 45 24.05 13.12 17.20
N ALA C 46 23.52 14.32 17.37
CA ALA C 46 22.25 14.71 16.76
C ALA C 46 22.35 15.11 15.28
N ARG C 47 23.37 15.89 14.95
CA ARG C 47 23.55 16.35 13.56
C ARG C 47 24.47 15.46 12.74
N TYR C 48 24.92 14.36 13.33
CA TYR C 48 25.82 13.45 12.64
C TYR C 48 25.20 12.68 11.49
N VAL C 49 25.74 12.93 10.30
CA VAL C 49 25.29 12.28 9.08
C VAL C 49 26.18 11.09 8.78
N PRO C 50 25.67 9.86 8.98
CA PRO C 50 26.54 8.72 8.67
C PRO C 50 27.00 8.75 7.21
N GLY C 51 28.28 8.44 6.98
CA GLY C 51 28.81 8.46 5.64
C GLY C 51 29.42 9.80 5.23
N ALA C 52 29.39 10.77 6.13
CA ALA C 52 29.93 12.08 5.81
C ALA C 52 31.44 12.19 6.04
N GLU C 53 32.02 11.35 6.89
CA GLU C 53 33.45 11.45 7.12
C GLU C 53 34.20 11.06 5.84
N GLU C 54 33.86 9.92 5.25
CA GLU C 54 34.53 9.46 4.02
C GLU C 54 34.47 10.49 2.92
N ARG C 55 33.27 11.06 2.74
CA ARG C 55 33.02 12.04 1.69
C ARG C 55 33.88 13.28 1.78
N ILE C 56 34.05 13.83 2.99
CA ILE C 56 34.87 15.02 3.17
C ILE C 56 36.35 14.70 2.93
N LEU C 57 36.79 13.53 3.39
CA LEU C 57 38.17 13.12 3.22
C LEU C 57 38.51 12.88 1.76
N ALA C 58 37.52 12.42 1.00
CA ALA C 58 37.72 12.15 -0.41
C ALA C 58 37.77 13.46 -1.18
N ALA C 59 36.93 14.42 -0.81
CA ALA C 59 36.89 15.69 -1.50
C ALA C 59 38.18 16.47 -1.31
N LEU C 60 38.80 16.32 -0.15
CA LEU C 60 40.05 17.02 0.14
C LEU C 60 41.14 16.43 -0.74
N LYS C 61 41.11 15.11 -0.90
CA LYS C 61 42.10 14.43 -1.73
C LYS C 61 41.83 14.75 -3.19
N TRP C 62 40.55 14.89 -3.51
CA TRP C 62 40.13 15.22 -4.86
C TRP C 62 40.68 16.59 -5.25
N LEU C 63 40.66 17.56 -4.33
CA LEU C 63 41.18 18.89 -4.61
C LEU C 63 42.71 18.97 -4.67
N GLY C 64 43.38 17.91 -4.22
CA GLY C 64 44.84 17.90 -4.26
C GLY C 64 45.56 18.21 -2.96
N LEU C 65 44.80 18.24 -1.87
CA LEU C 65 45.37 18.50 -0.57
C LEU C 65 45.76 17.15 -0.01
N SER C 66 46.85 17.12 0.75
CA SER C 66 47.30 15.89 1.35
C SER C 66 47.57 16.24 2.80
N TYR C 67 47.15 15.39 3.71
CA TYR C 67 47.42 15.66 5.11
C TYR C 67 48.46 14.69 5.64
N ASP C 68 49.17 15.14 6.66
CA ASP C 68 50.24 14.36 7.26
C ASP C 68 49.75 13.42 8.36
N GLU C 69 48.67 13.81 9.03
CA GLU C 69 48.06 13.00 10.09
C GLU C 69 46.55 13.04 9.90
N GLY C 70 45.88 11.94 10.20
CA GLY C 70 44.44 11.88 10.05
C GLY C 70 43.83 10.51 10.26
N PRO C 71 42.49 10.40 10.23
CA PRO C 71 41.71 9.17 10.43
C PRO C 71 42.19 8.02 9.56
N ASP C 72 42.41 8.28 8.28
CA ASP C 72 42.84 7.23 7.37
C ASP C 72 44.32 7.20 6.94
N VAL C 73 45.19 7.87 7.68
CA VAL C 73 46.63 7.84 7.38
C VAL C 73 47.43 7.67 8.67
N GLY C 74 46.73 7.50 9.78
CA GLY C 74 47.40 7.33 11.04
C GLY C 74 48.12 8.57 11.51
N GLY C 75 48.89 8.42 12.58
CA GLY C 75 49.65 9.54 13.12
C GLY C 75 49.98 9.25 14.56
N PRO C 76 51.01 9.91 15.11
CA PRO C 76 51.49 9.75 16.49
C PRO C 76 50.52 10.16 17.59
N HIS C 77 49.56 11.03 17.27
CA HIS C 77 48.62 11.50 18.29
C HIS C 77 47.15 11.17 18.09
N GLY C 78 46.87 9.98 17.60
CA GLY C 78 45.49 9.57 17.38
C GLY C 78 44.80 9.21 18.69
N PRO C 79 43.51 8.87 18.67
CA PRO C 79 42.66 8.82 17.46
C PRO C 79 42.48 10.21 16.87
N TYR C 80 42.03 10.27 15.63
CA TYR C 80 41.82 11.55 14.95
C TYR C 80 40.33 11.75 14.67
N ARG C 81 39.53 11.05 15.45
CA ARG C 81 38.08 11.13 15.37
C ARG C 81 37.71 11.43 16.84
N GLN C 82 37.10 12.58 17.10
CA GLN C 82 36.79 12.93 18.48
C GLN C 82 35.88 11.98 19.23
N SER C 83 35.00 11.31 18.52
CA SER C 83 34.08 10.37 19.16
C SER C 83 34.89 9.30 19.91
N GLU C 84 36.08 9.00 19.42
CA GLU C 84 36.93 8.01 20.03
C GLU C 84 37.85 8.56 21.11
N ARG C 85 37.68 9.84 21.43
CA ARG C 85 38.52 10.49 22.42
C ARG C 85 37.70 10.98 23.61
N LEU C 86 36.48 10.48 23.75
CA LEU C 86 35.62 10.92 24.82
C LEU C 86 36.18 10.91 26.24
N PRO C 87 36.79 9.80 26.67
CA PRO C 87 37.33 9.73 28.02
C PRO C 87 38.34 10.86 28.28
N LEU C 88 39.03 11.24 27.21
CA LEU C 88 40.02 12.31 27.29
C LEU C 88 39.34 13.60 27.75
N TYR C 89 38.30 14.00 27.03
CA TYR C 89 37.59 15.21 27.37
C TYR C 89 37.02 15.12 28.79
N GLN C 90 36.48 13.96 29.16
CA GLN C 90 35.95 13.77 30.51
C GLN C 90 37.02 14.16 31.52
N LYS C 91 38.19 13.54 31.35
CA LYS C 91 39.35 13.75 32.20
C LYS C 91 39.72 15.22 32.33
N TYR C 92 39.85 15.92 31.21
CA TYR C 92 40.21 17.34 31.27
C TYR C 92 39.11 18.23 31.86
N ALA C 93 37.85 17.86 31.61
CA ALA C 93 36.75 18.64 32.15
C ALA C 93 36.83 18.62 33.67
N GLU C 94 37.00 17.42 34.23
CA GLU C 94 37.10 17.30 35.67
C GLU C 94 38.33 18.02 36.21
N GLU C 95 39.38 18.13 35.40
CA GLU C 95 40.59 18.82 35.83
C GLU C 95 40.26 20.29 36.06
N LEU C 96 39.47 20.88 35.16
CA LEU C 96 39.09 22.27 35.31
C LEU C 96 38.22 22.37 36.56
N LEU C 97 37.39 21.35 36.75
CA LEU C 97 36.48 21.26 37.90
C LEU C 97 37.29 21.39 39.18
N LYS C 98 38.33 20.57 39.30
CA LYS C 98 39.16 20.60 40.47
C LYS C 98 39.93 21.92 40.60
N ARG C 99 40.23 22.56 39.47
CA ARG C 99 40.97 23.82 39.50
C ARG C 99 40.10 25.05 39.70
N GLY C 100 38.81 24.82 39.91
CA GLY C 100 37.91 25.94 40.10
C GLY C 100 37.57 26.70 38.83
N TRP C 101 38.06 26.23 37.69
CA TRP C 101 37.80 26.88 36.41
C TRP C 101 36.49 26.45 35.73
N ALA C 102 35.79 25.50 36.33
CA ALA C 102 34.52 25.03 35.77
C ALA C 102 33.60 24.58 36.88
N TYR C 103 32.35 24.28 36.53
CA TYR C 103 31.38 23.82 37.52
C TYR C 103 30.25 23.02 36.88
N ARG C 104 29.56 22.20 37.67
CA ARG C 104 28.45 21.38 37.21
C ARG C 104 27.13 22.17 37.28
N ALA C 105 26.33 22.08 36.23
CA ALA C 105 25.04 22.78 36.16
C ALA C 105 23.96 21.77 35.81
N PHE C 106 22.89 21.73 36.60
CA PHE C 106 21.84 20.74 36.38
C PHE C 106 20.52 21.23 35.81
N GLU C 107 20.48 22.44 35.27
CA GLU C 107 19.24 22.98 34.70
C GLU C 107 18.75 22.10 33.56
N THR C 108 17.43 21.88 33.50
CA THR C 108 16.86 21.09 32.43
C THR C 108 16.92 22.00 31.20
N PRO C 109 16.84 21.41 30.00
CA PRO C 109 16.88 22.23 28.78
C PRO C 109 15.76 23.27 28.79
N GLU C 110 14.69 22.99 29.51
CA GLU C 110 13.57 23.90 29.58
C GLU C 110 13.75 25.04 30.58
N GLU C 111 14.49 24.81 31.66
CA GLU C 111 14.72 25.89 32.61
C GLU C 111 15.64 26.88 31.92
N LEU C 112 16.68 26.37 31.26
CA LEU C 112 17.62 27.22 30.56
C LEU C 112 16.92 28.13 29.55
N GLU C 113 15.93 27.59 28.85
CA GLU C 113 15.18 28.38 27.87
C GLU C 113 14.48 29.54 28.57
N GLN C 114 13.88 29.23 29.71
CA GLN C 114 13.17 30.22 30.52
C GLN C 114 14.14 31.26 31.06
N ILE C 115 15.38 30.84 31.37
CA ILE C 115 16.40 31.76 31.87
C ILE C 115 16.83 32.68 30.73
N ARG C 116 16.95 32.11 29.55
CA ARG C 116 17.37 32.85 28.36
C ARG C 116 16.28 33.85 27.99
N LYS C 117 15.03 33.46 28.18
CA LYS C 117 13.90 34.33 27.88
C LYS C 117 13.87 35.54 28.80
N GLU C 118 14.02 35.31 30.10
CA GLU C 118 13.97 36.39 31.08
C GLU C 118 15.23 37.26 31.12
N LYS C 119 16.36 36.64 31.45
CA LYS C 119 17.62 37.34 31.58
C LYS C 119 18.51 37.27 30.33
N GLY C 120 17.97 36.75 29.23
CA GLY C 120 18.76 36.65 28.01
C GLY C 120 20.12 36.02 28.19
N GLY C 121 20.19 34.70 28.08
CA GLY C 121 21.47 34.00 28.25
C GLY C 121 21.57 33.48 29.66
N TYR C 122 22.27 32.37 29.85
CA TYR C 122 22.43 31.78 31.18
C TYR C 122 23.06 32.79 32.15
N ASP C 123 22.61 32.80 33.42
CA ASP C 123 23.15 33.73 34.42
C ASP C 123 24.16 33.09 35.38
N GLY C 124 24.63 31.89 35.06
CA GLY C 124 25.60 31.24 35.90
C GLY C 124 25.14 30.99 37.32
N ARG C 125 23.85 30.73 37.47
CA ARG C 125 23.27 30.50 38.79
C ARG C 125 23.82 29.24 39.47
N ALA C 126 24.25 28.26 38.68
CA ALA C 126 24.77 27.03 39.23
C ALA C 126 26.13 27.17 39.92
N ARG C 127 26.72 28.36 39.83
CA ARG C 127 28.01 28.59 40.46
C ARG C 127 27.83 28.63 41.97
N ASN C 128 26.59 28.88 42.41
CA ASN C 128 26.27 28.95 43.83
C ASN C 128 26.01 27.62 44.50
N ILE C 129 26.08 26.54 43.74
CA ILE C 129 25.86 25.21 44.30
C ILE C 129 27.15 24.75 44.99
N PRO C 130 27.05 24.30 46.24
CA PRO C 130 28.26 23.84 46.95
C PRO C 130 28.92 22.71 46.17
N PRO C 131 30.24 22.84 45.89
CA PRO C 131 30.96 21.81 45.15
C PRO C 131 30.68 20.38 45.63
N GLU C 132 30.66 20.17 46.94
CA GLU C 132 30.40 18.84 47.46
C GLU C 132 28.99 18.37 47.13
N GLU C 133 28.06 19.31 47.03
CA GLU C 133 26.68 18.95 46.71
C GLU C 133 26.60 18.61 45.22
N ALA C 134 27.32 19.39 44.41
CA ALA C 134 27.34 19.16 42.97
C ALA C 134 28.00 17.81 42.73
N GLU C 135 29.11 17.57 43.40
CA GLU C 135 29.83 16.32 43.26
C GLU C 135 28.98 15.13 43.66
N GLU C 136 28.11 15.35 44.65
CA GLU C 136 27.22 14.31 45.15
C GLU C 136 26.06 14.09 44.19
N ARG C 137 25.45 15.17 43.73
CA ARG C 137 24.34 15.06 42.80
C ARG C 137 24.81 14.39 41.51
N ALA C 138 26.10 14.51 41.24
CA ALA C 138 26.71 13.91 40.06
C ALA C 138 26.81 12.40 40.21
N ARG C 139 27.29 11.97 41.38
CA ARG C 139 27.44 10.55 41.65
C ARG C 139 26.08 9.86 41.69
N ARG C 140 25.05 10.59 42.12
CA ARG C 140 23.71 10.03 42.17
C ARG C 140 23.21 9.91 40.73
N GLY C 141 24.06 10.29 39.78
CA GLY C 141 23.70 10.19 38.38
C GLY C 141 22.79 11.28 37.86
N GLU C 142 22.57 12.34 38.63
CA GLU C 142 21.70 13.40 38.15
C GLU C 142 22.27 13.94 36.83
N PRO C 143 21.46 14.01 35.78
CA PRO C 143 21.97 14.53 34.51
C PRO C 143 22.40 15.99 34.64
N HIS C 144 23.54 16.33 34.03
CA HIS C 144 24.06 17.69 34.11
C HIS C 144 25.10 17.97 33.03
N VAL C 145 25.58 19.21 33.00
CA VAL C 145 26.62 19.64 32.06
C VAL C 145 27.72 20.29 32.88
N ILE C 146 28.87 20.52 32.25
CA ILE C 146 29.97 21.17 32.92
C ILE C 146 30.20 22.47 32.15
N ARG C 147 30.18 23.59 32.86
CA ARG C 147 30.38 24.88 32.25
C ARG C 147 31.70 25.53 32.62
N LEU C 148 32.20 26.36 31.72
CA LEU C 148 33.43 27.09 31.93
C LEU C 148 33.11 28.18 32.94
N LYS C 149 33.91 28.27 33.99
CA LYS C 149 33.67 29.29 35.00
C LYS C 149 34.50 30.52 34.67
N VAL C 150 33.90 31.45 33.90
CA VAL C 150 34.58 32.68 33.49
C VAL C 150 34.89 33.60 34.65
N PRO C 151 36.12 34.13 34.69
CA PRO C 151 36.55 35.06 35.74
C PRO C 151 35.72 36.34 35.66
N ARG C 152 34.98 36.63 36.72
CA ARG C 152 34.15 37.83 36.75
C ARG C 152 34.47 38.67 37.97
N PRO C 153 34.66 39.99 37.78
CA PRO C 153 34.57 40.69 36.50
C PRO C 153 35.96 40.62 35.88
N GLY C 154 36.09 41.10 34.65
CA GLY C 154 37.39 41.04 34.03
C GLY C 154 37.42 41.31 32.54
N THR C 155 38.61 41.14 31.98
CA THR C 155 38.83 41.38 30.58
C THR C 155 39.70 40.25 30.03
N THR C 156 39.59 39.99 28.74
CA THR C 156 40.36 38.93 28.10
C THR C 156 40.91 39.38 26.74
N GLU C 157 42.23 39.41 26.63
CA GLU C 157 42.88 39.81 25.39
C GLU C 157 43.05 38.67 24.40
N VAL C 158 42.52 38.86 23.20
CA VAL C 158 42.66 37.87 22.14
C VAL C 158 43.52 38.50 21.06
N LYS C 159 44.35 37.69 20.42
CA LYS C 159 45.20 38.19 19.36
C LYS C 159 45.00 37.45 18.05
N ASP C 160 44.49 38.17 17.06
CA ASP C 160 44.28 37.60 15.73
C ASP C 160 45.48 38.07 14.92
N GLU C 161 46.21 37.13 14.34
CA GLU C 161 47.39 37.45 13.56
C GLU C 161 47.16 38.39 12.37
N LEU C 162 45.91 38.55 11.95
CA LEU C 162 45.65 39.39 10.79
C LEU C 162 44.94 40.70 11.09
N ARG C 163 44.32 40.80 12.26
CA ARG C 163 43.59 42.01 12.60
C ARG C 163 44.21 42.77 13.77
N GLY C 164 45.02 42.09 14.58
CA GLY C 164 45.64 42.73 15.72
C GLY C 164 44.95 42.30 17.01
N VAL C 165 45.32 42.91 18.12
CA VAL C 165 44.72 42.57 19.40
C VAL C 165 43.26 42.98 19.46
N VAL C 166 42.48 42.31 20.29
CA VAL C 166 41.05 42.61 20.46
C VAL C 166 40.69 42.34 21.92
N VAL C 167 40.50 43.38 22.70
CA VAL C 167 40.16 43.20 24.11
C VAL C 167 38.67 42.98 24.31
N TYR C 168 38.33 41.88 24.97
CA TYR C 168 36.93 41.53 25.24
C TYR C 168 36.62 41.76 26.71
N ASP C 169 35.35 41.98 26.99
CA ASP C 169 34.96 42.20 28.36
C ASP C 169 34.34 40.88 28.79
N ASN C 170 34.89 40.29 29.85
CA ASN C 170 34.40 39.01 30.36
C ASN C 170 32.89 38.93 30.47
N GLN C 171 32.22 40.08 30.54
CA GLN C 171 30.77 40.06 30.64
C GLN C 171 30.16 39.66 29.31
N GLU C 172 31.00 39.61 28.29
CA GLU C 172 30.58 39.23 26.93
C GLU C 172 30.87 37.73 26.73
N ILE C 173 31.73 37.19 27.59
CA ILE C 173 32.13 35.79 27.51
C ILE C 173 31.26 34.94 28.42
N PRO C 174 30.32 34.19 27.86
CA PRO C 174 29.41 33.33 28.63
C PRO C 174 30.04 32.09 29.25
N ASP C 175 29.47 31.60 30.35
CA ASP C 175 29.97 30.40 30.99
C ASP C 175 29.53 29.23 30.12
N VAL C 176 30.09 29.17 28.91
CA VAL C 176 29.76 28.13 27.94
C VAL C 176 29.89 26.72 28.47
N VAL C 177 29.05 25.81 27.98
CA VAL C 177 29.13 24.44 28.43
C VAL C 177 30.36 23.79 27.78
N LEU C 178 31.17 23.10 28.59
CA LEU C 178 32.35 22.43 28.07
C LEU C 178 32.04 20.97 27.79
N LEU C 179 31.28 20.34 28.68
CA LEU C 179 30.92 18.94 28.51
C LEU C 179 29.41 18.75 28.60
N LYS C 180 28.79 18.33 27.51
CA LYS C 180 27.34 18.13 27.45
C LYS C 180 26.87 17.07 28.44
N SER C 181 25.56 17.02 28.65
CA SER C 181 24.96 16.08 29.60
C SER C 181 24.99 14.64 29.12
N ASP C 182 25.28 14.45 27.86
CA ASP C 182 25.37 13.09 27.33
C ASP C 182 26.82 12.61 27.34
N GLY C 183 27.69 13.37 28.01
CA GLY C 183 29.09 13.00 28.11
C GLY C 183 29.95 13.46 26.95
N TYR C 184 29.32 14.05 25.94
CA TYR C 184 30.06 14.54 24.79
C TYR C 184 30.51 15.97 25.05
N PRO C 185 31.66 16.36 24.51
CA PRO C 185 32.14 17.72 24.72
C PRO C 185 31.67 18.63 23.59
N THR C 186 31.87 19.93 23.77
CA THR C 186 31.51 20.91 22.75
C THR C 186 32.82 21.27 22.03
N TYR C 187 32.71 21.91 20.86
CA TYR C 187 33.88 22.34 20.12
C TYR C 187 34.85 23.06 21.04
N HIS C 188 34.33 23.95 21.89
CA HIS C 188 35.16 24.72 22.78
C HIS C 188 36.12 23.89 23.60
N LEU C 189 35.63 22.83 24.22
CA LEU C 189 36.52 22.01 25.04
C LEU C 189 37.41 21.15 24.17
N ALA C 190 36.81 20.42 23.24
CA ALA C 190 37.58 19.53 22.39
C ALA C 190 38.61 20.21 21.52
N ASN C 191 38.28 21.38 21.00
CA ASN C 191 39.19 22.17 20.17
C ASN C 191 40.50 22.40 20.90
N VAL C 192 40.41 23.01 22.08
CA VAL C 192 41.58 23.32 22.88
C VAL C 192 42.37 22.10 23.28
N VAL C 193 41.68 21.13 23.89
CA VAL C 193 42.36 19.90 24.30
C VAL C 193 43.07 19.22 23.14
N ASP C 194 42.36 18.94 22.06
CA ASP C 194 42.97 18.28 20.94
C ASP C 194 44.01 19.08 20.20
N ASP C 195 43.83 20.39 20.08
CA ASP C 195 44.85 21.17 19.40
C ASP C 195 46.13 21.09 20.23
N HIS C 196 46.00 21.16 21.55
CA HIS C 196 47.16 21.06 22.41
C HIS C 196 47.90 19.74 22.25
N LEU C 197 47.21 18.64 22.52
CA LEU C 197 47.79 17.31 22.42
C LEU C 197 48.40 16.98 21.06
N MET C 198 47.79 17.45 19.98
CA MET C 198 48.32 17.18 18.65
C MET C 198 49.36 18.22 18.26
N GLY C 199 49.70 19.08 19.22
CA GLY C 199 50.69 20.12 19.00
C GLY C 199 50.45 21.16 17.92
N VAL C 200 49.20 21.58 17.68
CA VAL C 200 48.99 22.59 16.64
C VAL C 200 49.42 23.97 17.17
N THR C 201 50.17 24.67 16.32
CA THR C 201 50.71 25.97 16.68
C THR C 201 50.01 27.09 15.96
N ASP C 202 49.39 26.77 14.83
CA ASP C 202 48.69 27.78 14.05
C ASP C 202 47.25 27.38 13.74
N VAL C 203 46.31 28.04 14.40
CA VAL C 203 44.91 27.75 14.18
C VAL C 203 44.34 28.73 13.17
N ILE C 204 44.05 28.22 11.98
CA ILE C 204 43.51 29.02 10.90
C ILE C 204 42.09 28.51 10.71
N ARG C 205 41.11 29.37 10.95
CA ARG C 205 39.71 28.97 10.83
C ARG C 205 38.86 30.13 10.32
N ALA C 206 37.61 29.84 9.98
CA ALA C 206 36.69 30.85 9.46
C ALA C 206 36.37 31.90 10.50
N GLU C 207 36.24 33.13 10.02
CA GLU C 207 35.93 34.30 10.84
C GLU C 207 34.72 34.13 11.76
N GLU C 208 33.88 33.15 11.49
CA GLU C 208 32.71 32.94 12.33
C GLU C 208 33.11 32.55 13.76
N TRP C 209 34.36 32.17 13.94
CA TRP C 209 34.87 31.76 15.26
C TRP C 209 35.62 32.85 16.01
N LEU C 210 35.77 34.01 15.40
CA LEU C 210 36.51 35.09 16.03
C LEU C 210 36.03 35.40 17.44
N VAL C 211 34.72 35.53 17.62
CA VAL C 211 34.14 35.84 18.94
C VAL C 211 34.29 34.72 19.95
N SER C 212 34.42 33.48 19.48
CA SER C 212 34.56 32.39 20.42
C SER C 212 36.02 32.29 20.88
N THR C 213 36.93 32.96 20.18
CA THR C 213 38.33 32.90 20.54
C THR C 213 38.64 33.22 22.01
N PRO C 214 38.01 34.26 22.60
CA PRO C 214 38.35 34.51 24.01
C PRO C 214 38.01 33.36 24.96
N ILE C 215 37.12 32.46 24.53
CA ILE C 215 36.75 31.31 25.33
C ILE C 215 37.93 30.34 25.29
N HIS C 216 38.54 30.19 24.12
CA HIS C 216 39.67 29.32 23.95
C HIS C 216 40.89 29.87 24.68
N VAL C 217 41.10 31.18 24.61
CA VAL C 217 42.23 31.81 25.31
C VAL C 217 42.11 31.50 26.78
N LEU C 218 40.89 31.59 27.30
CA LEU C 218 40.64 31.31 28.70
C LEU C 218 40.94 29.86 29.05
N LEU C 219 40.48 28.94 28.21
CA LEU C 219 40.70 27.51 28.46
C LEU C 219 42.20 27.18 28.44
N TYR C 220 42.93 27.75 27.49
CA TYR C 220 44.36 27.49 27.43
C TYR C 220 44.99 28.01 28.73
N ARG C 221 44.42 29.09 29.26
CA ARG C 221 44.94 29.65 30.50
C ARG C 221 44.63 28.69 31.64
N ALA C 222 43.36 28.27 31.71
CA ALA C 222 42.91 27.36 32.75
C ALA C 222 43.81 26.12 32.83
N PHE C 223 44.15 25.56 31.67
CA PHE C 223 44.99 24.37 31.63
C PHE C 223 46.46 24.66 31.88
N GLY C 224 46.84 25.93 31.78
CA GLY C 224 48.22 26.30 31.96
C GLY C 224 49.01 26.00 30.69
N TRP C 225 48.32 25.97 29.56
CA TRP C 225 48.96 25.69 28.28
C TRP C 225 49.21 26.98 27.49
N GLU C 226 50.19 26.95 26.61
CA GLU C 226 50.51 28.10 25.80
C GLU C 226 49.52 28.12 24.63
N ALA C 227 48.94 29.27 24.36
CA ALA C 227 47.99 29.39 23.27
C ALA C 227 48.69 29.47 21.91
N PRO C 228 48.08 28.90 20.87
CA PRO C 228 48.68 28.93 19.54
C PRO C 228 48.36 30.27 18.87
N ARG C 229 48.83 30.46 17.64
CA ARG C 229 48.55 31.69 16.90
C ARG C 229 47.17 31.52 16.26
N PHE C 230 46.42 32.61 16.15
CA PHE C 230 45.09 32.56 15.55
C PHE C 230 45.00 33.34 14.25
N TYR C 231 44.48 32.69 13.22
CA TYR C 231 44.30 33.33 11.93
C TYR C 231 42.87 33.09 11.51
N HIS C 232 42.07 34.14 11.41
CA HIS C 232 40.69 33.98 11.00
C HIS C 232 40.48 34.40 9.56
N MET C 233 40.00 33.47 8.75
CA MET C 233 39.75 33.74 7.34
C MET C 233 38.35 34.27 7.13
N PRO C 234 38.18 35.20 6.17
CA PRO C 234 36.84 35.71 5.94
C PRO C 234 35.93 34.64 5.34
N LEU C 235 34.64 34.73 5.63
CA LEU C 235 33.67 33.77 5.14
C LEU C 235 33.40 33.93 3.66
N LEU C 236 33.17 32.80 2.99
CA LEU C 236 32.83 32.79 1.58
C LEU C 236 31.39 33.31 1.61
N ARG C 237 31.03 34.14 0.64
CA ARG C 237 29.68 34.71 0.65
C ARG C 237 28.84 34.37 -0.56
N ASN C 238 27.52 34.32 -0.35
CA ASN C 238 26.57 34.05 -1.42
C ASN C 238 26.59 35.33 -2.24
N PRO C 239 25.82 35.38 -3.33
CA PRO C 239 25.86 36.62 -4.12
C PRO C 239 25.32 37.82 -3.34
N ASP C 240 24.45 37.56 -2.38
CA ASP C 240 23.87 38.66 -1.58
C ASP C 240 24.73 39.03 -0.38
N LYS C 241 25.97 38.58 -0.40
CA LYS C 241 26.95 38.87 0.65
C LYS C 241 26.78 38.15 1.98
N THR C 242 25.74 37.36 2.13
CA THR C 242 25.55 36.62 3.39
C THR C 242 26.47 35.38 3.34
N LYS C 243 26.84 34.82 4.49
CA LYS C 243 27.73 33.65 4.45
C LYS C 243 27.14 32.58 3.54
N ILE C 244 27.96 32.15 2.58
CA ILE C 244 27.57 31.15 1.59
C ILE C 244 26.69 30.07 2.21
N SER C 245 25.55 29.80 1.59
CA SER C 245 24.64 28.79 2.11
C SER C 245 24.10 27.89 1.01
N LYS C 246 23.59 26.74 1.41
CA LYS C 246 23.05 25.72 0.50
C LYS C 246 21.88 26.17 -0.38
N ARG C 247 21.21 27.25 -0.02
CA ARG C 247 20.07 27.71 -0.81
C ARG C 247 20.32 28.85 -1.81
N LYS C 248 21.22 29.77 -1.47
CA LYS C 248 21.53 30.88 -2.35
C LYS C 248 22.73 30.53 -3.24
N SER C 249 23.42 29.44 -2.90
CA SER C 249 24.59 28.99 -3.65
C SER C 249 24.79 27.48 -3.66
N HIS C 250 25.83 27.04 -4.37
CA HIS C 250 26.21 25.64 -4.42
C HIS C 250 27.38 25.47 -3.48
N THR C 251 27.15 24.83 -2.35
CA THR C 251 28.20 24.64 -1.38
C THR C 251 28.74 23.21 -1.33
N SER C 252 28.03 22.28 -1.95
CA SER C 252 28.48 20.89 -1.95
C SER C 252 29.56 20.61 -2.99
N LEU C 253 30.72 20.19 -2.53
CA LEU C 253 31.83 19.84 -3.40
C LEU C 253 31.44 18.74 -4.39
N ASP C 254 30.52 17.87 -3.98
CA ASP C 254 30.09 16.79 -4.86
C ASP C 254 29.30 17.33 -6.04
N TRP C 255 28.65 18.46 -5.83
CA TRP C 255 27.89 19.07 -6.92
C TRP C 255 28.89 19.57 -7.97
N TYR C 256 30.00 20.13 -7.51
CA TYR C 256 31.02 20.65 -8.43
C TYR C 256 31.66 19.53 -9.24
N LYS C 257 31.97 18.43 -8.56
CA LYS C 257 32.57 17.31 -9.26
C LYS C 257 31.56 16.71 -10.22
N ALA C 258 30.29 16.73 -9.84
CA ALA C 258 29.23 16.17 -10.67
C ALA C 258 29.01 17.00 -11.92
N GLU C 259 29.15 18.32 -11.78
CA GLU C 259 28.96 19.26 -12.88
C GLU C 259 30.09 19.32 -13.88
N GLY C 260 31.19 18.61 -13.62
CA GLY C 260 32.31 18.62 -14.53
C GLY C 260 33.38 19.69 -14.29
N PHE C 261 33.41 20.26 -13.08
CA PHE C 261 34.42 21.26 -12.75
C PHE C 261 35.70 20.47 -12.39
N LEU C 262 36.85 20.94 -12.86
CA LEU C 262 38.12 20.27 -12.57
C LEU C 262 38.60 20.65 -11.18
N PRO C 263 38.95 19.65 -10.35
CA PRO C 263 39.42 19.97 -9.01
C PRO C 263 40.52 21.04 -9.01
N GLU C 264 41.41 20.95 -10.00
CA GLU C 264 42.51 21.89 -10.12
C GLU C 264 41.98 23.31 -10.26
N ALA C 265 40.97 23.47 -11.10
CA ALA C 265 40.36 24.76 -11.36
C ALA C 265 39.68 25.27 -10.10
N LEU C 266 38.92 24.42 -9.44
CA LEU C 266 38.22 24.83 -8.23
C LEU C 266 39.19 25.25 -7.14
N ARG C 267 40.28 24.51 -7.01
CA ARG C 267 41.27 24.79 -6.01
C ARG C 267 41.94 26.13 -6.33
N ASN C 268 42.16 26.37 -7.61
CA ASN C 268 42.80 27.59 -8.05
C ASN C 268 41.88 28.79 -7.80
N TYR C 269 40.59 28.61 -8.05
CA TYR C 269 39.64 29.69 -7.83
C TYR C 269 39.59 30.01 -6.34
N LEU C 270 39.56 28.97 -5.52
CA LEU C 270 39.50 29.14 -4.08
C LEU C 270 40.70 29.95 -3.57
N CYS C 271 41.86 29.84 -4.21
CA CYS C 271 43.01 30.62 -3.75
C CYS C 271 42.77 32.10 -3.97
N LEU C 272 42.04 32.41 -5.02
CA LEU C 272 41.72 33.78 -5.35
C LEU C 272 40.74 34.39 -4.37
N MET C 273 40.15 33.55 -3.51
CA MET C 273 39.18 33.99 -2.49
C MET C 273 39.93 34.51 -1.27
N GLY C 274 40.57 35.65 -1.39
CA GLY C 274 41.28 36.21 -0.26
C GLY C 274 42.77 36.32 -0.48
N PHE C 275 43.27 35.78 -1.58
CA PHE C 275 44.70 35.85 -1.83
C PHE C 275 45.01 36.15 -3.29
N SER C 276 46.16 36.79 -3.53
CA SER C 276 46.57 37.13 -4.89
C SER C 276 48.09 37.13 -5.02
N MET C 277 48.57 36.72 -6.19
CA MET C 277 50.01 36.67 -6.45
C MET C 277 50.54 38.06 -6.74
N PRO C 278 51.78 38.35 -6.29
CA PRO C 278 52.45 39.64 -6.49
C PRO C 278 52.29 40.20 -7.90
N ASP C 279 52.58 39.35 -8.90
CA ASP C 279 52.47 39.76 -10.29
C ASP C 279 51.03 39.72 -10.78
N GLY C 280 50.10 39.48 -9.88
CA GLY C 280 48.69 39.47 -10.27
C GLY C 280 48.23 38.37 -11.20
N ARG C 281 49.07 37.37 -11.41
CA ARG C 281 48.74 36.25 -12.26
C ARG C 281 47.61 35.46 -11.58
N GLU C 282 46.61 35.04 -12.35
CA GLU C 282 45.48 34.31 -11.78
C GLU C 282 45.46 32.79 -11.97
N ILE C 283 46.20 32.29 -12.94
CA ILE C 283 46.25 30.86 -13.15
C ILE C 283 47.58 30.39 -12.61
N PHE C 284 47.54 29.50 -11.63
CA PHE C 284 48.75 28.95 -11.04
C PHE C 284 48.49 27.59 -10.40
N THR C 285 49.56 26.86 -10.12
CA THR C 285 49.46 25.54 -9.52
C THR C 285 49.36 25.56 -7.99
N LEU C 286 49.02 24.41 -7.41
CA LEU C 286 48.89 24.30 -5.98
C LEU C 286 50.27 24.56 -5.37
N GLU C 287 51.29 24.01 -6.00
CA GLU C 287 52.65 24.16 -5.52
C GLU C 287 53.11 25.62 -5.56
N GLU C 288 52.76 26.33 -6.63
CA GLU C 288 53.14 27.73 -6.76
C GLU C 288 52.44 28.53 -5.67
N PHE C 289 51.27 28.08 -5.28
CA PHE C 289 50.49 28.75 -4.26
C PHE C 289 51.24 28.67 -2.93
N ILE C 290 51.65 27.46 -2.59
CA ILE C 290 52.40 27.20 -1.36
C ILE C 290 53.62 28.10 -1.26
N GLN C 291 54.37 28.18 -2.34
CA GLN C 291 55.60 28.95 -2.37
C GLN C 291 55.42 30.45 -2.31
N ALA C 292 54.32 30.94 -2.88
CA ALA C 292 54.05 32.36 -2.89
C ALA C 292 53.19 32.83 -1.72
N PHE C 293 52.72 31.90 -0.90
CA PHE C 293 51.86 32.28 0.22
C PHE C 293 52.49 33.21 1.26
N THR C 294 51.70 34.20 1.69
CA THR C 294 52.12 35.20 2.69
C THR C 294 50.89 35.85 3.27
N TRP C 295 50.77 35.90 4.59
CA TRP C 295 49.61 36.52 5.21
C TRP C 295 49.51 38.00 4.86
N GLU C 296 50.52 38.51 4.17
CA GLU C 296 50.53 39.90 3.77
C GLU C 296 49.61 40.08 2.57
N ARG C 297 49.51 39.05 1.73
CA ARG C 297 48.67 39.16 0.55
C ARG C 297 47.29 38.54 0.69
N VAL C 298 46.80 38.46 1.92
CA VAL C 298 45.48 37.92 2.18
C VAL C 298 44.54 39.08 2.49
N SER C 299 43.51 39.28 1.67
CA SER C 299 42.58 40.38 1.92
C SER C 299 41.54 39.91 2.93
N LEU C 300 40.88 40.84 3.62
CA LEU C 300 39.91 40.43 4.62
C LEU C 300 38.44 40.71 4.32
N GLY C 301 38.12 41.04 3.07
CA GLY C 301 36.73 41.27 2.73
C GLY C 301 36.02 39.94 2.52
N GLY C 302 34.70 39.91 2.74
CA GLY C 302 33.97 38.67 2.53
C GLY C 302 33.79 38.44 1.06
N PRO C 303 34.59 37.56 0.43
CA PRO C 303 34.48 37.30 -1.01
C PRO C 303 33.21 36.57 -1.47
N VAL C 304 32.65 37.05 -2.56
CA VAL C 304 31.46 36.44 -3.13
C VAL C 304 31.94 35.32 -4.04
N PHE C 305 31.28 34.17 -3.96
CA PHE C 305 31.66 33.05 -4.80
C PHE C 305 30.95 33.27 -6.11
N ASP C 306 31.72 33.63 -7.14
CA ASP C 306 31.23 33.90 -8.48
C ASP C 306 31.35 32.67 -9.37
N LEU C 307 30.23 32.00 -9.59
CA LEU C 307 30.19 30.81 -10.42
C LEU C 307 30.66 31.09 -11.83
N GLU C 308 30.21 32.20 -12.39
CA GLU C 308 30.63 32.53 -13.74
C GLU C 308 32.13 32.56 -13.84
N LYS C 309 32.80 33.14 -12.85
CA LYS C 309 34.25 33.19 -12.94
C LYS C 309 34.85 31.80 -12.79
N LEU C 310 34.23 30.94 -12.00
CA LEU C 310 34.74 29.57 -11.85
C LEU C 310 34.64 28.89 -13.21
N ARG C 311 33.51 29.05 -13.89
CA ARG C 311 33.35 28.42 -15.18
C ARG C 311 34.44 28.88 -16.11
N TRP C 312 34.65 30.19 -16.16
CA TRP C 312 35.71 30.74 -17.00
C TRP C 312 37.02 30.01 -16.69
N MET C 313 37.37 30.00 -15.41
CA MET C 313 38.60 29.36 -14.98
C MET C 313 38.64 27.89 -15.38
N ASN C 314 37.53 27.18 -15.19
CA ASN C 314 37.51 25.78 -15.53
C ASN C 314 37.81 25.62 -17.02
N GLY C 315 37.19 26.45 -17.84
CA GLY C 315 37.43 26.37 -19.27
C GLY C 315 38.90 26.66 -19.60
N LYS C 316 39.47 27.59 -18.85
CA LYS C 316 40.87 27.97 -19.05
C LYS C 316 41.79 26.78 -18.77
N TYR C 317 41.46 25.98 -17.75
CA TYR C 317 42.26 24.82 -17.40
C TYR C 317 42.13 23.79 -18.49
N ILE C 318 40.89 23.57 -18.92
CA ILE C 318 40.61 22.62 -19.97
C ILE C 318 41.41 22.91 -21.24
N ARG C 319 41.51 24.17 -21.62
CA ARG C 319 42.22 24.45 -22.84
C ARG C 319 43.66 24.94 -22.76
N GLU C 320 44.16 25.32 -21.58
CA GLU C 320 45.53 25.81 -21.50
C GLU C 320 46.45 25.17 -20.47
N VAL C 321 45.90 24.45 -19.50
CA VAL C 321 46.72 23.84 -18.46
C VAL C 321 46.84 22.33 -18.59
N LEU C 322 45.71 21.65 -18.78
CA LEU C 322 45.75 20.21 -18.95
C LEU C 322 46.13 19.93 -20.38
N SER C 323 46.71 18.76 -20.63
CA SER C 323 47.10 18.37 -21.97
C SER C 323 45.86 17.81 -22.67
N LEU C 324 45.95 17.67 -23.98
CA LEU C 324 44.85 17.13 -24.73
C LEU C 324 44.47 15.77 -24.17
N GLU C 325 45.48 14.94 -23.99
CA GLU C 325 45.29 13.60 -23.47
C GLU C 325 44.61 13.57 -22.09
N GLU C 326 44.97 14.52 -21.22
CA GLU C 326 44.37 14.57 -19.89
C GLU C 326 42.87 14.89 -19.93
N VAL C 327 42.50 15.83 -20.79
CA VAL C 327 41.09 16.19 -20.91
C VAL C 327 40.32 14.99 -21.43
N ALA C 328 40.86 14.33 -22.45
CA ALA C 328 40.23 13.15 -23.02
C ALA C 328 39.92 12.13 -21.94
N GLU C 329 40.87 11.93 -21.04
CA GLU C 329 40.67 10.97 -19.97
C GLU C 329 39.57 11.41 -18.99
N ARG C 330 39.60 12.68 -18.61
CA ARG C 330 38.64 13.21 -17.65
C ARG C 330 37.23 13.35 -18.17
N VAL C 331 37.10 13.34 -19.49
CA VAL C 331 35.80 13.48 -20.13
C VAL C 331 35.06 12.14 -20.23
N LYS C 332 35.80 11.03 -20.14
CA LYS C 332 35.21 9.70 -20.25
C LYS C 332 34.02 9.41 -19.34
N PRO C 333 34.18 9.63 -18.03
CA PRO C 333 33.10 9.38 -17.09
C PRO C 333 31.80 10.03 -17.52
N PHE C 334 31.92 11.25 -18.01
CA PHE C 334 30.78 12.05 -18.43
C PHE C 334 30.13 11.52 -19.70
N LEU C 335 30.93 10.92 -20.57
CA LEU C 335 30.37 10.34 -21.79
C LEU C 335 29.59 9.12 -21.30
N ARG C 336 30.20 8.34 -20.41
CA ARG C 336 29.54 7.16 -19.87
C ARG C 336 28.24 7.51 -19.15
N GLU C 337 28.23 8.64 -18.44
CA GLU C 337 27.04 9.05 -17.73
C GLU C 337 25.92 9.49 -18.69
N ALA C 338 26.30 9.88 -19.91
CA ALA C 338 25.32 10.32 -20.91
C ALA C 338 24.90 9.16 -21.82
N GLY C 339 25.31 7.95 -21.46
CA GLY C 339 24.97 6.78 -22.25
C GLY C 339 25.63 6.74 -23.62
N LEU C 340 26.74 7.49 -23.76
CA LEU C 340 27.47 7.54 -25.01
C LEU C 340 28.75 6.73 -24.95
N SER C 341 29.27 6.40 -26.12
CA SER C 341 30.49 5.62 -26.27
C SER C 341 31.36 6.11 -27.42
N TRP C 342 32.67 5.99 -27.25
CA TRP C 342 33.62 6.40 -28.29
C TRP C 342 34.15 5.11 -28.90
N GLU C 343 34.51 5.17 -30.17
CA GLU C 343 34.99 3.99 -30.89
C GLU C 343 36.40 3.55 -30.50
N SER C 344 37.24 4.52 -30.13
CA SER C 344 38.61 4.23 -29.72
C SER C 344 39.24 5.46 -29.11
N GLU C 345 40.42 5.30 -28.51
CA GLU C 345 41.11 6.42 -27.89
C GLU C 345 41.39 7.46 -28.95
N ALA C 346 41.92 7.00 -30.07
CA ALA C 346 42.26 7.85 -31.19
C ALA C 346 41.08 8.74 -31.57
N TYR C 347 39.89 8.14 -31.66
CA TYR C 347 38.72 8.90 -32.04
C TYR C 347 38.36 9.93 -30.97
N LEU C 348 38.27 9.50 -29.72
CA LEU C 348 37.90 10.39 -28.63
C LEU C 348 38.84 11.60 -28.55
N ARG C 349 40.13 11.34 -28.67
CA ARG C 349 41.11 12.40 -28.58
C ARG C 349 40.88 13.46 -29.66
N ARG C 350 40.67 13.03 -30.88
CA ARG C 350 40.44 13.99 -31.94
C ARG C 350 39.11 14.71 -31.71
N ALA C 351 38.13 14.01 -31.16
CA ALA C 351 36.84 14.61 -30.88
C ALA C 351 37.02 15.69 -29.82
N VAL C 352 37.77 15.38 -28.76
CA VAL C 352 38.02 16.33 -27.69
C VAL C 352 38.83 17.52 -28.17
N GLU C 353 39.75 17.27 -29.08
CA GLU C 353 40.58 18.33 -29.62
C GLU C 353 39.73 19.37 -30.33
N LEU C 354 38.77 18.90 -31.12
CA LEU C 354 37.92 19.79 -31.90
C LEU C 354 37.01 20.63 -31.03
N MET C 355 36.64 20.07 -29.87
CA MET C 355 35.73 20.75 -28.97
C MET C 355 36.38 21.53 -27.85
N ARG C 356 37.66 21.27 -27.58
CA ARG C 356 38.36 21.93 -26.47
C ARG C 356 37.97 23.38 -26.21
N PRO C 357 37.97 24.22 -27.25
CA PRO C 357 37.60 25.62 -27.00
C PRO C 357 36.10 25.88 -26.91
N ARG C 358 35.30 24.82 -26.91
CA ARG C 358 33.85 25.01 -26.88
C ARG C 358 33.10 24.48 -25.66
N PHE C 359 33.82 24.05 -24.63
CA PHE C 359 33.13 23.58 -23.43
C PHE C 359 33.91 24.01 -22.20
N ASP C 360 33.19 24.57 -21.24
CA ASP C 360 33.80 25.06 -20.01
C ASP C 360 33.70 24.11 -18.83
N THR C 361 32.95 23.01 -18.97
CA THR C 361 32.82 22.00 -17.92
C THR C 361 32.83 20.67 -18.63
N LEU C 362 33.38 19.64 -18.00
CA LEU C 362 33.42 18.31 -18.62
C LEU C 362 32.03 17.81 -18.97
N LYS C 363 31.05 18.21 -18.18
CA LYS C 363 29.67 17.79 -18.42
C LYS C 363 29.12 18.36 -19.73
N GLU C 364 29.63 19.51 -20.14
CA GLU C 364 29.19 20.16 -21.36
C GLU C 364 29.63 19.43 -22.62
N PHE C 365 30.76 18.72 -22.55
CA PHE C 365 31.26 18.01 -23.72
C PHE C 365 30.25 17.07 -24.39
N PRO C 366 29.68 16.12 -23.64
CA PRO C 366 28.70 15.20 -24.24
C PRO C 366 27.46 15.93 -24.73
N GLU C 367 27.21 17.10 -24.17
CA GLU C 367 26.05 17.89 -24.55
C GLU C 367 26.19 18.56 -25.91
N LYS C 368 27.30 19.26 -26.11
CA LYS C 368 27.51 19.99 -27.35
C LYS C 368 28.13 19.16 -28.46
N ALA C 369 28.69 17.99 -28.11
CA ALA C 369 29.33 17.13 -29.10
C ALA C 369 28.60 15.81 -29.24
N ARG C 370 27.38 15.76 -28.74
CA ARG C 370 26.59 14.54 -28.79
C ARG C 370 26.61 13.86 -30.17
N TYR C 371 26.44 14.64 -31.23
CA TYR C 371 26.41 14.13 -32.60
C TYR C 371 27.71 13.47 -33.07
N LEU C 372 28.76 13.52 -32.27
CA LEU C 372 30.03 12.90 -32.63
C LEU C 372 30.14 11.49 -32.07
N PHE C 373 29.16 11.08 -31.28
CA PHE C 373 29.22 9.76 -30.66
C PHE C 373 27.99 8.88 -30.86
N THR C 374 26.91 9.48 -31.32
CA THR C 374 25.68 8.75 -31.55
C THR C 374 24.89 9.34 -32.70
N GLU C 375 23.90 8.59 -33.16
CA GLU C 375 23.04 9.05 -34.26
C GLU C 375 21.83 9.71 -33.63
N ASP C 376 21.63 9.43 -32.35
CA ASP C 376 20.49 9.98 -31.63
C ASP C 376 20.82 11.37 -31.10
N TYR C 377 20.91 12.34 -32.03
CA TYR C 377 21.20 13.71 -31.64
C TYR C 377 20.03 14.60 -32.08
N PRO C 378 19.85 15.75 -31.42
CA PRO C 378 18.75 16.64 -31.79
C PRO C 378 19.06 17.52 -32.99
N VAL C 379 18.01 18.03 -33.64
CA VAL C 379 18.17 18.92 -34.79
C VAL C 379 17.44 20.24 -34.53
N SER C 380 18.20 21.33 -34.43
CA SER C 380 17.62 22.64 -34.17
C SER C 380 16.76 23.15 -35.31
N GLU C 381 15.68 23.85 -34.97
CA GLU C 381 14.79 24.40 -35.99
C GLU C 381 15.60 25.20 -36.99
N LYS C 382 16.54 26.01 -36.49
CA LYS C 382 17.39 26.83 -37.34
C LYS C 382 18.27 25.97 -38.26
N ALA C 383 18.65 24.79 -37.77
CA ALA C 383 19.46 23.88 -38.56
C ALA C 383 18.59 23.27 -39.65
N GLN C 384 17.36 22.93 -39.28
CA GLN C 384 16.42 22.33 -40.21
C GLN C 384 16.10 23.33 -41.32
N ARG C 385 15.80 24.57 -40.94
CA ARG C 385 15.50 25.63 -41.90
C ARG C 385 16.66 25.72 -42.88
N LYS C 386 17.88 25.75 -42.34
CA LYS C 386 19.09 25.85 -43.17
C LYS C 386 19.33 24.63 -44.06
N LEU C 387 18.95 23.46 -43.57
CA LEU C 387 19.11 22.22 -44.33
C LEU C 387 18.17 22.21 -45.53
N GLU C 388 16.88 22.46 -45.28
CA GLU C 388 15.90 22.47 -46.35
C GLU C 388 16.20 23.55 -47.38
N GLU C 389 16.73 24.67 -46.93
CA GLU C 389 17.04 25.76 -47.84
C GLU C 389 18.24 25.50 -48.73
N GLY C 390 19.04 24.50 -48.38
CA GLY C 390 20.20 24.19 -49.19
C GLY C 390 20.21 22.79 -49.80
N LEU C 391 19.10 22.08 -49.68
CA LEU C 391 19.01 20.74 -50.24
C LEU C 391 19.46 20.65 -51.68
N PRO C 392 19.02 21.58 -52.55
CA PRO C 392 19.42 21.56 -53.96
C PRO C 392 20.94 21.52 -54.14
N LEU C 393 21.64 22.36 -53.37
CA LEU C 393 23.11 22.43 -53.43
C LEU C 393 23.71 21.13 -52.93
N LEU C 394 23.26 20.66 -51.77
CA LEU C 394 23.79 19.43 -51.21
C LEU C 394 23.57 18.26 -52.17
N LYS C 395 22.41 18.24 -52.82
CA LYS C 395 22.08 17.18 -53.78
C LYS C 395 23.11 17.14 -54.90
N GLU C 396 23.53 18.31 -55.35
CA GLU C 396 24.52 18.44 -56.43
C GLU C 396 25.94 18.24 -55.94
N LEU C 397 26.15 18.32 -54.63
CA LEU C 397 27.47 18.14 -54.05
C LEU C 397 27.71 16.68 -53.73
N TYR C 398 26.67 16.00 -53.26
CA TYR C 398 26.75 14.59 -52.91
C TYR C 398 27.51 13.73 -53.89
N PRO C 399 27.17 13.77 -55.19
CA PRO C 399 27.88 12.95 -56.16
C PRO C 399 29.40 13.20 -56.14
N ARG C 400 29.78 14.46 -55.94
CA ARG C 400 31.20 14.83 -55.89
C ARG C 400 31.86 14.16 -54.67
N LEU C 401 31.16 14.14 -53.56
CA LEU C 401 31.66 13.55 -52.32
C LEU C 401 31.79 12.03 -52.39
N ARG C 402 30.84 11.35 -53.04
CA ARG C 402 30.97 9.90 -53.09
C ARG C 402 32.09 9.48 -54.03
N ALA C 403 32.57 10.44 -54.83
CA ALA C 403 33.64 10.18 -55.79
C ALA C 403 34.99 10.75 -55.30
N GLN C 404 34.99 11.32 -54.10
CA GLN C 404 36.22 11.88 -53.53
C GLN C 404 37.07 10.78 -52.90
N GLU C 405 38.22 10.50 -53.52
CA GLU C 405 39.10 9.46 -53.01
C GLU C 405 39.89 9.92 -51.79
N GLU C 406 40.61 11.03 -51.92
CA GLU C 406 41.40 11.58 -50.83
C GLU C 406 40.47 12.25 -49.82
N TRP C 407 40.17 11.56 -48.73
CA TRP C 407 39.28 12.11 -47.72
C TRP C 407 40.03 12.78 -46.57
N THR C 408 40.63 13.94 -46.88
CA THR C 408 41.38 14.71 -45.90
C THR C 408 40.82 16.12 -45.76
N GLU C 409 41.11 16.75 -44.64
CA GLU C 409 40.64 18.10 -44.36
C GLU C 409 41.15 19.08 -45.41
N ALA C 410 42.32 18.80 -45.96
CA ALA C 410 42.92 19.66 -46.98
C ALA C 410 42.19 19.48 -48.31
N ALA C 411 42.02 18.21 -48.70
CA ALA C 411 41.35 17.87 -49.95
C ALA C 411 39.89 18.31 -49.92
N LEU C 412 39.21 17.97 -48.83
CA LEU C 412 37.81 18.33 -48.71
C LEU C 412 37.59 19.84 -48.81
N GLU C 413 38.46 20.64 -48.23
CA GLU C 413 38.26 22.08 -48.33
C GLU C 413 38.35 22.50 -49.78
N ALA C 414 39.37 21.98 -50.47
CA ALA C 414 39.57 22.31 -51.89
C ALA C 414 38.33 21.98 -52.72
N LEU C 415 37.78 20.80 -52.54
CA LEU C 415 36.59 20.41 -53.28
C LEU C 415 35.42 21.35 -53.02
N LEU C 416 35.09 21.56 -51.75
CA LEU C 416 33.98 22.43 -51.36
C LEU C 416 34.14 23.87 -51.84
N ARG C 417 35.35 24.42 -51.71
CA ARG C 417 35.59 25.80 -52.15
C ARG C 417 35.34 25.85 -53.66
N GLY C 418 35.94 24.89 -54.37
CA GLY C 418 35.78 24.83 -55.80
C GLY C 418 34.33 24.69 -56.22
N PHE C 419 33.61 23.83 -55.51
CA PHE C 419 32.20 23.61 -55.80
C PHE C 419 31.43 24.91 -55.57
N ALA C 420 31.79 25.65 -54.53
CA ALA C 420 31.11 26.90 -54.20
C ALA C 420 31.34 27.93 -55.30
N ALA C 421 32.58 28.02 -55.77
CA ALA C 421 32.89 28.98 -56.82
C ALA C 421 32.21 28.54 -58.12
N GLU C 422 32.41 27.29 -58.50
CA GLU C 422 31.81 26.76 -59.73
C GLU C 422 30.30 26.95 -59.74
N LYS C 423 29.70 27.01 -58.55
CA LYS C 423 28.26 27.19 -58.41
C LYS C 423 27.97 28.66 -58.16
N GLY C 424 29.01 29.49 -58.27
CA GLY C 424 28.88 30.92 -58.06
C GLY C 424 28.13 31.28 -56.79
N VAL C 425 28.69 30.88 -55.64
CA VAL C 425 28.06 31.15 -54.35
C VAL C 425 29.13 31.18 -53.26
N LYS C 426 28.81 31.79 -52.13
CA LYS C 426 29.76 31.89 -51.01
C LYS C 426 29.82 30.55 -50.28
N LEU C 427 31.03 30.17 -49.87
CA LEU C 427 31.26 28.90 -49.15
C LEU C 427 30.23 28.63 -48.08
N GLY C 428 29.98 29.63 -47.22
CA GLY C 428 29.01 29.48 -46.16
C GLY C 428 27.70 28.90 -46.66
N GLN C 429 27.29 29.28 -47.87
CA GLN C 429 26.03 28.78 -48.40
C GLN C 429 26.05 27.29 -48.71
N VAL C 430 27.24 26.69 -48.75
CA VAL C 430 27.31 25.25 -48.97
C VAL C 430 27.78 24.58 -47.67
N ALA C 431 28.64 25.25 -46.93
CA ALA C 431 29.14 24.73 -45.65
C ALA C 431 28.06 24.72 -44.57
N GLN C 432 27.33 25.81 -44.44
CA GLN C 432 26.28 25.91 -43.42
C GLN C 432 25.24 24.80 -43.51
N PRO C 433 24.66 24.58 -44.70
CA PRO C 433 23.66 23.52 -44.82
C PRO C 433 24.25 22.14 -44.59
N LEU C 434 25.51 21.95 -44.98
CA LEU C 434 26.17 20.66 -44.81
C LEU C 434 26.39 20.41 -43.31
N ARG C 435 26.76 21.46 -42.58
CA ARG C 435 26.99 21.36 -41.15
C ARG C 435 25.70 20.87 -40.49
N ALA C 436 24.58 21.42 -40.95
CA ALA C 436 23.29 21.03 -40.40
C ALA C 436 23.03 19.54 -40.66
N ALA C 437 23.32 19.09 -41.87
CA ALA C 437 23.11 17.69 -42.24
C ALA C 437 23.93 16.75 -41.37
N LEU C 438 25.18 17.13 -41.16
CA LEU C 438 26.12 16.33 -40.39
C LEU C 438 25.97 16.38 -38.88
N THR C 439 25.64 17.56 -38.36
CA THR C 439 25.57 17.72 -36.91
C THR C 439 24.23 18.04 -36.27
N GLY C 440 23.22 18.33 -37.08
CA GLY C 440 21.93 18.65 -36.51
C GLY C 440 22.04 19.95 -35.74
N SER C 441 23.08 20.72 -36.03
CA SER C 441 23.33 21.98 -35.35
C SER C 441 24.01 23.01 -36.26
N LEU C 442 23.96 24.28 -35.86
CA LEU C 442 24.58 25.36 -36.63
C LEU C 442 25.68 26.03 -35.82
N GLU C 443 26.00 25.44 -34.68
CA GLU C 443 27.06 25.93 -33.79
C GLU C 443 27.95 24.72 -33.57
N THR C 444 29.04 24.68 -34.32
CA THR C 444 29.92 23.53 -34.28
C THR C 444 31.36 23.92 -34.63
N PRO C 445 32.30 22.97 -34.53
CA PRO C 445 33.67 23.35 -34.88
C PRO C 445 33.79 23.36 -36.41
N GLY C 446 34.97 23.74 -36.92
CA GLY C 446 35.20 23.81 -38.35
C GLY C 446 34.58 22.71 -39.19
N LEU C 447 33.99 23.08 -40.31
CA LEU C 447 33.34 22.11 -41.19
C LEU C 447 34.26 21.05 -41.78
N PHE C 448 35.43 21.46 -42.24
CA PHE C 448 36.34 20.49 -42.85
C PHE C 448 36.81 19.44 -41.86
N GLU C 449 37.09 19.82 -40.62
CA GLU C 449 37.55 18.84 -39.65
C GLU C 449 36.42 17.95 -39.17
N ILE C 450 35.21 18.50 -39.12
CA ILE C 450 34.04 17.74 -38.71
C ILE C 450 33.69 16.76 -39.81
N LEU C 451 33.87 17.20 -41.06
CA LEU C 451 33.55 16.35 -42.21
C LEU C 451 34.56 15.20 -42.28
N ALA C 452 35.82 15.50 -42.00
CA ALA C 452 36.88 14.51 -42.07
C ALA C 452 36.85 13.46 -40.96
N LEU C 453 36.73 13.94 -39.73
CA LEU C 453 36.70 13.11 -38.52
C LEU C 453 36.07 11.72 -38.69
N LEU C 454 34.85 11.71 -39.20
CA LEU C 454 34.10 10.48 -39.36
C LEU C 454 34.52 9.49 -40.45
N GLY C 455 35.11 10.02 -41.53
CA GLY C 455 35.51 9.16 -42.62
C GLY C 455 34.45 9.23 -43.71
N LYS C 456 34.85 8.92 -44.94
CA LYS C 456 33.96 8.95 -46.09
C LYS C 456 32.60 8.27 -45.86
N GLU C 457 32.63 6.98 -45.60
CA GLU C 457 31.41 6.20 -45.40
C GLU C 457 30.43 6.72 -44.36
N ARG C 458 30.94 6.91 -43.14
CA ARG C 458 30.09 7.38 -42.05
C ARG C 458 29.46 8.74 -42.38
N ALA C 459 30.24 9.60 -43.02
CA ALA C 459 29.77 10.92 -43.40
C ALA C 459 28.69 10.88 -44.48
N LEU C 460 28.95 10.13 -45.55
CA LEU C 460 27.97 10.03 -46.63
C LEU C 460 26.67 9.41 -46.13
N ARG C 461 26.79 8.35 -45.34
CA ARG C 461 25.62 7.67 -44.80
C ARG C 461 24.71 8.71 -44.13
N ARG C 462 25.29 9.48 -43.21
CA ARG C 462 24.55 10.52 -42.49
C ARG C 462 24.02 11.60 -43.43
N LEU C 463 24.82 11.97 -44.43
CA LEU C 463 24.42 12.98 -45.39
C LEU C 463 23.24 12.48 -46.21
N GLU C 464 23.19 11.17 -46.44
CA GLU C 464 22.11 10.58 -47.21
C GLU C 464 20.77 10.65 -46.48
N ARG C 465 20.80 10.53 -45.16
CA ARG C 465 19.56 10.58 -44.38
C ARG C 465 18.93 11.96 -44.42
N ALA C 466 19.75 12.99 -44.59
CA ALA C 466 19.26 14.35 -44.62
C ALA C 466 18.72 14.68 -46.01
N LEU C 467 19.13 13.91 -47.01
CA LEU C 467 18.69 14.14 -48.39
C LEU C 467 17.52 13.22 -48.73
N ALA C 468 17.42 12.12 -48.00
CA ALA C 468 16.36 11.14 -48.21
C ALA C 468 14.98 11.78 -48.02
N MET D 1 -11.79 -18.43 19.98
CA MET D 1 -12.21 -18.10 18.58
C MET D 1 -13.69 -17.75 18.48
N VAL D 2 -14.33 -18.19 17.42
CA VAL D 2 -15.75 -17.89 17.20
C VAL D 2 -16.53 -19.18 17.08
N VAL D 3 -17.58 -19.31 17.90
CA VAL D 3 -18.43 -20.49 17.84
C VAL D 3 -19.89 -20.07 17.72
N THR D 4 -20.54 -20.50 16.64
CA THR D 4 -21.94 -20.18 16.42
C THR D 4 -22.75 -21.45 16.49
N ARG D 5 -24.07 -21.32 16.45
CA ARG D 5 -24.93 -22.49 16.51
C ARG D 5 -26.31 -22.27 15.96
N ILE D 6 -27.01 -23.37 15.70
CA ILE D 6 -28.37 -23.36 15.21
C ILE D 6 -29.06 -24.34 16.17
N ALA D 7 -30.26 -24.01 16.63
CA ALA D 7 -30.97 -24.89 17.53
C ALA D 7 -32.37 -25.19 16.98
N PRO D 8 -32.42 -25.98 15.89
CA PRO D 8 -33.71 -26.31 15.28
C PRO D 8 -34.57 -27.18 16.18
N SER D 9 -35.87 -27.09 16.01
CA SER D 9 -36.81 -27.89 16.77
C SER D 9 -37.40 -28.84 15.73
N PRO D 10 -37.39 -30.15 16.00
CA PRO D 10 -37.96 -31.05 15.00
C PRO D 10 -39.47 -31.19 15.24
N THR D 11 -40.24 -30.21 14.77
CA THR D 11 -41.68 -30.23 14.98
C THR D 11 -42.44 -29.83 13.71
N GLY D 12 -41.91 -30.27 12.57
CA GLY D 12 -42.54 -29.96 11.30
C GLY D 12 -41.56 -30.07 10.15
N ASP D 13 -41.96 -29.63 8.96
CA ASP D 13 -41.11 -29.67 7.78
C ASP D 13 -39.91 -28.75 7.97
N PRO D 14 -38.79 -29.06 7.31
CA PRO D 14 -37.64 -28.16 7.48
C PRO D 14 -38.05 -26.78 6.98
N HIS D 15 -37.96 -25.78 7.86
CA HIS D 15 -38.39 -24.43 7.54
C HIS D 15 -37.32 -23.51 6.94
N VAL D 16 -37.74 -22.71 5.97
CA VAL D 16 -36.85 -21.78 5.27
C VAL D 16 -36.24 -20.76 6.23
N GLY D 17 -36.99 -20.42 7.29
CA GLY D 17 -36.47 -19.47 8.24
C GLY D 17 -35.25 -20.03 8.92
N THR D 18 -35.23 -21.34 9.10
CA THR D 18 -34.12 -22.02 9.74
C THR D 18 -32.90 -21.96 8.84
N ALA D 19 -33.11 -22.24 7.56
CA ALA D 19 -32.01 -22.22 6.62
C ALA D 19 -31.41 -20.82 6.63
N TYR D 20 -32.28 -19.83 6.67
CA TYR D 20 -31.87 -18.43 6.69
C TYR D 20 -30.96 -18.12 7.88
N ILE D 21 -31.41 -18.42 9.08
CA ILE D 21 -30.60 -18.18 10.27
C ILE D 21 -29.34 -19.05 10.22
N ALA D 22 -29.47 -20.30 9.76
CA ALA D 22 -28.35 -21.21 9.65
C ALA D 22 -27.29 -20.65 8.71
N LEU D 23 -27.75 -20.12 7.59
CA LEU D 23 -26.85 -19.54 6.58
C LEU D 23 -25.94 -18.46 7.17
N PHE D 24 -26.51 -17.61 8.02
CA PHE D 24 -25.70 -16.55 8.60
C PHE D 24 -24.80 -17.03 9.73
N ASN D 25 -25.24 -18.05 10.45
CA ASN D 25 -24.41 -18.56 11.52
C ASN D 25 -23.22 -19.24 10.90
N TYR D 26 -23.49 -20.01 9.85
CA TYR D 26 -22.47 -20.74 9.10
C TYR D 26 -21.39 -19.78 8.59
N ALA D 27 -21.82 -18.71 7.94
CA ALA D 27 -20.90 -17.73 7.39
C ALA D 27 -20.08 -17.04 8.46
N TRP D 28 -20.71 -16.55 9.51
CA TRP D 28 -19.96 -15.84 10.55
C TRP D 28 -18.86 -16.71 11.12
N ALA D 29 -19.15 -17.99 11.30
CA ALA D 29 -18.16 -18.91 11.84
C ALA D 29 -16.99 -19.06 10.85
N ARG D 30 -17.31 -19.47 9.63
CA ARG D 30 -16.28 -19.66 8.61
C ARG D 30 -15.47 -18.40 8.37
N ARG D 31 -16.11 -17.24 8.34
CA ARG D 31 -15.37 -16.00 8.10
C ARG D 31 -14.33 -15.77 9.17
N ASN D 32 -14.62 -16.18 10.40
CA ASN D 32 -13.67 -15.99 11.49
C ASN D 32 -12.92 -17.28 11.82
N GLY D 33 -12.92 -18.22 10.89
CA GLY D 33 -12.24 -19.48 11.09
C GLY D 33 -12.64 -20.13 12.41
N GLY D 34 -13.94 -20.17 12.67
CA GLY D 34 -14.42 -20.77 13.90
C GLY D 34 -15.22 -22.04 13.69
N ARG D 35 -16.11 -22.32 14.64
CA ARG D 35 -16.94 -23.52 14.57
C ARG D 35 -18.44 -23.20 14.50
N PHE D 36 -19.16 -23.98 13.71
CA PHE D 36 -20.63 -23.85 13.56
C PHE D 36 -21.24 -25.14 14.09
N ILE D 37 -21.96 -24.99 15.20
CA ILE D 37 -22.60 -26.09 15.91
C ILE D 37 -24.09 -26.27 15.59
N VAL D 38 -24.55 -27.51 15.57
CA VAL D 38 -25.97 -27.78 15.37
C VAL D 38 -26.43 -28.56 16.60
N ARG D 39 -27.42 -27.99 17.28
CA ARG D 39 -27.98 -28.57 18.47
C ARG D 39 -29.48 -28.79 18.19
N ILE D 40 -30.03 -29.95 18.56
CA ILE D 40 -31.44 -30.21 18.32
C ILE D 40 -32.28 -29.87 19.53
N GLU D 41 -33.31 -29.06 19.35
CA GLU D 41 -34.19 -28.70 20.46
C GLU D 41 -35.42 -29.59 20.45
N ASP D 42 -35.28 -30.79 21.03
CA ASP D 42 -36.37 -31.74 21.10
C ASP D 42 -36.87 -31.96 22.53
N THR D 43 -37.13 -30.88 23.25
CA THR D 43 -37.60 -30.98 24.63
C THR D 43 -39.10 -30.77 24.77
N ASP D 44 -39.82 -30.67 23.66
CA ASP D 44 -41.27 -30.53 23.72
C ASP D 44 -41.88 -31.90 23.48
N ARG D 45 -42.05 -32.64 24.58
CA ARG D 45 -42.58 -34.00 24.60
C ARG D 45 -43.77 -34.33 23.70
N ALA D 46 -44.70 -33.38 23.54
CA ALA D 46 -45.87 -33.63 22.70
C ALA D 46 -45.42 -34.04 21.29
N ARG D 47 -44.95 -33.06 20.53
CA ARG D 47 -44.49 -33.27 19.15
C ARG D 47 -43.06 -33.84 19.16
N TYR D 48 -42.83 -34.81 20.03
CA TYR D 48 -41.52 -35.44 20.20
C TYR D 48 -41.40 -36.83 19.58
N VAL D 49 -40.47 -36.98 18.63
CA VAL D 49 -40.25 -38.26 17.97
C VAL D 49 -38.76 -38.51 17.75
N PRO D 50 -38.29 -39.74 18.06
CA PRO D 50 -36.89 -40.11 17.91
C PRO D 50 -36.38 -40.13 16.46
N GLY D 51 -35.81 -39.01 16.01
CA GLY D 51 -35.28 -38.96 14.66
C GLY D 51 -35.96 -38.09 13.62
N ALA D 52 -36.97 -37.31 13.99
CA ALA D 52 -37.63 -36.44 13.00
C ALA D 52 -36.66 -35.36 12.52
N GLU D 53 -35.68 -35.09 13.38
CA GLU D 53 -34.61 -34.12 13.15
C GLU D 53 -33.81 -34.49 11.91
N GLU D 54 -33.95 -35.73 11.46
CA GLU D 54 -33.21 -36.16 10.28
C GLU D 54 -33.50 -35.29 9.07
N ARG D 55 -34.75 -34.86 8.93
CA ARG D 55 -35.17 -34.04 7.81
C ARG D 55 -34.52 -32.67 7.80
N ILE D 56 -34.43 -32.03 8.96
CA ILE D 56 -33.82 -30.70 9.01
C ILE D 56 -32.30 -30.75 8.79
N LEU D 57 -31.66 -31.82 9.25
CA LEU D 57 -30.22 -31.94 9.04
C LEU D 57 -29.92 -32.22 7.58
N ALA D 58 -30.83 -32.92 6.92
CA ALA D 58 -30.66 -33.23 5.50
C ALA D 58 -30.84 -31.96 4.66
N ALA D 59 -31.81 -31.15 5.05
CA ALA D 59 -32.10 -29.89 4.36
C ALA D 59 -30.90 -28.93 4.45
N LEU D 60 -30.24 -28.90 5.60
CA LEU D 60 -29.08 -28.03 5.76
C LEU D 60 -27.94 -28.50 4.87
N LYS D 61 -27.73 -29.81 4.78
CA LYS D 61 -26.68 -30.36 3.95
C LYS D 61 -27.06 -30.19 2.49
N TRP D 62 -28.37 -30.23 2.22
CA TRP D 62 -28.84 -30.06 0.85
C TRP D 62 -28.50 -28.66 0.36
N LEU D 63 -28.64 -27.67 1.24
CA LEU D 63 -28.35 -26.28 0.91
C LEU D 63 -26.87 -25.98 0.78
N GLY D 64 -26.03 -26.90 1.21
CA GLY D 64 -24.59 -26.69 1.11
C GLY D 64 -23.91 -26.21 2.38
N LEU D 65 -24.63 -26.25 3.48
CA LEU D 65 -24.06 -25.82 4.74
C LEU D 65 -23.48 -27.06 5.39
N SER D 66 -22.42 -26.90 6.15
CA SER D 66 -21.81 -28.02 6.85
C SER D 66 -21.51 -27.53 8.24
N TYR D 67 -21.79 -28.34 9.25
CA TYR D 67 -21.52 -27.93 10.60
C TYR D 67 -20.32 -28.69 11.11
N ASP D 68 -19.64 -28.12 12.09
CA ASP D 68 -18.47 -28.78 12.61
C ASP D 68 -18.79 -29.67 13.80
N GLU D 69 -19.96 -29.46 14.39
CA GLU D 69 -20.41 -30.27 15.52
C GLU D 69 -21.90 -30.45 15.43
N GLY D 70 -22.38 -31.63 15.82
CA GLY D 70 -23.79 -31.89 15.75
C GLY D 70 -24.13 -33.31 16.11
N PRO D 71 -25.43 -33.64 16.17
CA PRO D 71 -25.98 -34.96 16.50
C PRO D 71 -25.39 -36.10 15.71
N ASP D 72 -25.27 -35.92 14.40
CA ASP D 72 -24.74 -36.98 13.55
C ASP D 72 -23.30 -36.83 13.06
N VAL D 73 -22.49 -36.03 13.76
CA VAL D 73 -21.10 -35.83 13.37
C VAL D 73 -20.26 -35.76 14.64
N GLY D 74 -20.92 -35.93 15.77
CA GLY D 74 -20.26 -35.89 17.05
C GLY D 74 -19.65 -34.54 17.37
N GLY D 75 -18.90 -34.49 18.47
CA GLY D 75 -18.27 -33.26 18.88
C GLY D 75 -17.80 -33.38 20.31
N PRO D 76 -16.88 -32.51 20.73
CA PRO D 76 -16.28 -32.45 22.08
C PRO D 76 -17.26 -32.12 23.20
N HIS D 77 -18.39 -31.52 22.85
CA HIS D 77 -19.35 -31.08 23.86
C HIS D 77 -20.77 -31.65 23.77
N GLY D 78 -20.90 -32.91 23.38
CA GLY D 78 -22.21 -33.53 23.26
C GLY D 78 -22.80 -33.83 24.63
N PRO D 79 -24.04 -34.36 24.71
CA PRO D 79 -24.96 -34.67 23.60
C PRO D 79 -25.31 -33.38 22.88
N TYR D 80 -25.78 -33.51 21.63
CA TYR D 80 -26.19 -32.35 20.86
C TYR D 80 -27.70 -32.39 20.62
N ARG D 81 -28.40 -33.12 21.49
CA ARG D 81 -29.86 -33.24 21.47
C ARG D 81 -30.23 -32.90 22.91
N GLN D 82 -31.06 -31.88 23.11
CA GLN D 82 -31.42 -31.49 24.46
C GLN D 82 -32.08 -32.59 25.30
N SER D 83 -32.83 -33.48 24.64
CA SER D 83 -33.50 -34.54 25.37
C SER D 83 -32.49 -35.42 26.10
N GLU D 84 -31.28 -35.48 25.58
CA GLU D 84 -30.23 -36.30 26.18
C GLU D 84 -29.45 -35.59 27.28
N ARG D 85 -29.78 -34.33 27.57
CA ARG D 85 -29.05 -33.63 28.61
C ARG D 85 -29.94 -33.06 29.71
N LEU D 86 -31.04 -33.74 29.95
CA LEU D 86 -31.98 -33.34 30.98
C LEU D 86 -31.36 -33.15 32.37
N PRO D 87 -30.63 -34.16 32.86
CA PRO D 87 -29.99 -34.09 34.19
C PRO D 87 -29.20 -32.78 34.34
N LEU D 88 -28.55 -32.40 33.25
CA LEU D 88 -27.75 -31.19 33.21
C LEU D 88 -28.60 -29.98 33.63
N TYR D 89 -29.73 -29.80 32.95
CA TYR D 89 -30.64 -28.71 33.24
C TYR D 89 -31.14 -28.73 34.67
N GLN D 90 -31.50 -29.92 35.16
CA GLN D 90 -31.97 -30.04 36.53
C GLN D 90 -30.89 -29.53 37.47
N LYS D 91 -29.65 -29.97 37.23
CA LYS D 91 -28.49 -29.57 38.02
C LYS D 91 -28.32 -28.05 38.10
N TYR D 92 -28.29 -27.39 36.94
CA TYR D 92 -28.13 -25.93 36.93
C TYR D 92 -29.33 -25.20 37.51
N ALA D 93 -30.52 -25.75 37.33
CA ALA D 93 -31.73 -25.12 37.86
C ALA D 93 -31.58 -25.02 39.37
N GLU D 94 -31.23 -26.13 40.00
CA GLU D 94 -31.05 -26.19 41.45
C GLU D 94 -29.95 -25.22 41.86
N GLU D 95 -28.95 -25.08 41.00
CA GLU D 95 -27.84 -24.18 41.29
C GLU D 95 -28.33 -22.76 41.48
N LEU D 96 -29.26 -22.33 40.63
CA LEU D 96 -29.83 -20.99 40.70
C LEU D 96 -30.66 -20.94 41.96
N LEU D 97 -31.35 -22.04 42.24
CA LEU D 97 -32.21 -22.16 43.41
C LEU D 97 -31.40 -21.88 44.67
N LYS D 98 -30.25 -22.55 44.79
CA LYS D 98 -29.38 -22.38 45.94
C LYS D 98 -28.79 -20.96 45.98
N ARG D 99 -28.60 -20.38 44.80
CA ARG D 99 -28.04 -19.03 44.67
C ARG D 99 -29.07 -17.90 44.86
N GLY D 100 -30.31 -18.28 45.16
CA GLY D 100 -31.34 -17.27 45.37
C GLY D 100 -31.84 -16.62 44.09
N TRP D 101 -31.30 -17.03 42.94
CA TRP D 101 -31.73 -16.49 41.65
C TRP D 101 -32.98 -17.16 41.07
N ALA D 102 -33.51 -18.17 41.74
CA ALA D 102 -34.70 -18.86 41.26
C ALA D 102 -35.51 -19.35 42.45
N TYR D 103 -36.79 -19.61 42.23
CA TYR D 103 -37.61 -20.10 43.32
C TYR D 103 -38.54 -21.16 42.80
N ARG D 104 -39.18 -21.88 43.71
CA ARG D 104 -40.10 -22.94 43.34
C ARG D 104 -41.53 -22.44 43.40
N ALA D 105 -42.29 -22.72 42.37
CA ALA D 105 -43.68 -22.31 42.29
C ALA D 105 -44.53 -23.56 42.16
N PHE D 106 -45.55 -23.70 43.01
CA PHE D 106 -46.40 -24.88 42.97
C PHE D 106 -47.79 -24.65 42.39
N GLU D 107 -48.05 -23.46 41.87
CA GLU D 107 -49.35 -23.15 41.30
C GLU D 107 -49.73 -24.19 40.26
N THR D 108 -51.01 -24.54 40.22
CA THR D 108 -51.53 -25.52 39.28
C THR D 108 -51.75 -24.81 37.95
N PRO D 109 -51.75 -25.57 36.84
CA PRO D 109 -51.97 -24.99 35.51
C PRO D 109 -53.20 -24.10 35.46
N GLU D 110 -54.17 -24.42 36.31
CA GLU D 110 -55.42 -23.66 36.39
C GLU D 110 -55.22 -22.39 37.22
N GLU D 111 -54.57 -22.53 38.38
CA GLU D 111 -54.34 -21.37 39.23
C GLU D 111 -53.68 -20.27 38.42
N LEU D 112 -52.61 -20.64 37.70
CA LEU D 112 -51.88 -19.68 36.89
C LEU D 112 -52.81 -18.97 35.93
N GLU D 113 -53.67 -19.74 35.26
CA GLU D 113 -54.62 -19.17 34.31
C GLU D 113 -55.48 -18.13 35.03
N GLN D 114 -55.81 -18.44 36.29
CA GLN D 114 -56.61 -17.54 37.11
C GLN D 114 -55.82 -16.25 37.29
N ILE D 115 -54.59 -16.38 37.77
CA ILE D 115 -53.73 -15.23 38.00
C ILE D 115 -53.51 -14.39 36.75
N ARG D 116 -53.27 -15.03 35.61
CA ARG D 116 -53.04 -14.30 34.37
C ARG D 116 -54.31 -13.59 33.91
N LYS D 117 -55.45 -14.05 34.41
CA LYS D 117 -56.74 -13.48 34.06
C LYS D 117 -57.02 -12.21 34.87
N GLU D 118 -56.74 -12.28 36.17
CA GLU D 118 -56.96 -11.16 37.08
C GLU D 118 -55.85 -10.11 36.98
N LYS D 119 -54.65 -10.51 37.36
CA LYS D 119 -53.49 -9.62 37.35
C LYS D 119 -52.71 -9.60 36.04
N GLY D 120 -53.21 -10.33 35.04
CA GLY D 120 -52.54 -10.38 33.75
C GLY D 120 -51.09 -10.79 33.88
N GLY D 121 -50.84 -12.10 33.93
CA GLY D 121 -49.48 -12.60 34.07
C GLY D 121 -49.23 -13.00 35.51
N TYR D 122 -48.27 -13.89 35.73
CA TYR D 122 -47.95 -14.33 37.09
C TYR D 122 -47.45 -13.18 37.94
N ASP D 123 -47.79 -13.21 39.22
CA ASP D 123 -47.37 -12.15 40.15
C ASP D 123 -46.25 -12.56 41.09
N GLY D 124 -45.60 -13.68 40.78
CA GLY D 124 -44.50 -14.16 41.60
C GLY D 124 -44.83 -14.32 43.07
N ARG D 125 -46.04 -14.78 43.34
CA ARG D 125 -46.46 -14.95 44.72
C ARG D 125 -45.68 -16.06 45.41
N ALA D 126 -45.18 -17.01 44.63
CA ALA D 126 -44.41 -18.13 45.19
C ALA D 126 -43.09 -17.66 45.81
N ARG D 127 -42.70 -16.43 45.53
CA ARG D 127 -41.46 -15.90 46.08
C ARG D 127 -41.52 -15.87 47.59
N ASN D 128 -42.74 -15.80 48.12
CA ASN D 128 -42.97 -15.73 49.56
C ASN D 128 -42.75 -17.06 50.28
N ILE D 129 -42.97 -18.16 49.58
CA ILE D 129 -42.80 -19.47 50.18
C ILE D 129 -41.40 -19.61 50.78
N PRO D 130 -41.31 -19.96 52.07
CA PRO D 130 -40.04 -20.13 52.76
C PRO D 130 -39.17 -21.19 52.09
N PRO D 131 -37.89 -20.88 51.84
CA PRO D 131 -36.95 -21.81 51.21
C PRO D 131 -37.11 -23.24 51.72
N GLU D 132 -37.07 -23.37 53.04
CA GLU D 132 -37.21 -24.67 53.68
C GLU D 132 -38.54 -25.35 53.36
N GLU D 133 -39.63 -24.58 53.44
CA GLU D 133 -40.95 -25.12 53.15
C GLU D 133 -41.00 -25.63 51.72
N ALA D 134 -40.54 -24.81 50.78
CA ALA D 134 -40.54 -25.20 49.38
C ALA D 134 -39.68 -26.43 49.21
N GLU D 135 -38.44 -26.36 49.69
CA GLU D 135 -37.50 -27.48 49.59
C GLU D 135 -38.11 -28.78 50.09
N GLU D 136 -38.88 -28.67 51.18
CA GLU D 136 -39.53 -29.85 51.74
C GLU D 136 -40.70 -30.28 50.86
N ARG D 137 -41.50 -29.31 50.43
CA ARG D 137 -42.65 -29.60 49.59
C ARG D 137 -42.20 -30.27 48.29
N ALA D 138 -40.96 -29.98 47.89
CA ALA D 138 -40.39 -30.57 46.69
C ALA D 138 -39.96 -32.00 47.01
N ARG D 139 -39.35 -32.17 48.18
CA ARG D 139 -38.89 -33.48 48.65
C ARG D 139 -40.07 -34.44 48.75
N ARG D 140 -41.25 -33.91 49.05
CA ARG D 140 -42.45 -34.73 49.17
C ARG D 140 -42.97 -35.09 47.77
N GLY D 141 -42.26 -34.62 46.75
CA GLY D 141 -42.63 -34.89 45.38
C GLY D 141 -43.73 -34.01 44.82
N GLU D 142 -44.10 -32.97 45.57
CA GLU D 142 -45.16 -32.07 45.13
C GLU D 142 -44.81 -31.47 43.77
N PRO D 143 -45.69 -31.65 42.77
CA PRO D 143 -45.45 -31.11 41.42
C PRO D 143 -45.21 -29.60 41.46
N HIS D 144 -44.13 -29.17 40.81
CA HIS D 144 -43.78 -27.75 40.78
C HIS D 144 -42.86 -27.40 39.62
N VAL D 145 -42.53 -26.12 39.52
CA VAL D 145 -41.63 -25.62 38.49
C VAL D 145 -40.63 -24.69 39.16
N ILE D 146 -39.56 -24.39 38.45
CA ILE D 146 -38.55 -23.47 38.97
C ILE D 146 -38.59 -22.25 38.07
N ARG D 147 -38.83 -21.08 38.68
CA ARG D 147 -38.92 -19.83 37.94
C ARG D 147 -37.71 -18.96 38.21
N LEU D 148 -37.38 -18.10 37.25
CA LEU D 148 -36.28 -17.16 37.41
C LEU D 148 -36.75 -16.12 38.40
N LYS D 149 -35.88 -15.77 39.34
CA LYS D 149 -36.23 -14.77 40.35
C LYS D 149 -35.60 -13.45 39.93
N VAL D 150 -36.30 -12.72 39.06
CA VAL D 150 -35.81 -11.44 38.58
C VAL D 150 -35.63 -10.41 39.68
N PRO D 151 -34.49 -9.72 39.69
CA PRO D 151 -34.18 -8.68 40.68
C PRO D 151 -35.17 -7.54 40.54
N ARG D 152 -35.94 -7.26 41.59
CA ARG D 152 -36.89 -6.16 41.54
C ARG D 152 -36.72 -5.22 42.72
N PRO D 153 -36.74 -3.90 42.47
CA PRO D 153 -36.92 -3.32 41.13
C PRO D 153 -35.55 -3.24 40.47
N GLY D 154 -35.51 -2.82 39.22
CA GLY D 154 -34.22 -2.73 38.57
C GLY D 154 -34.28 -2.64 37.06
N THR D 155 -33.12 -2.65 36.44
CA THR D 155 -33.06 -2.57 34.99
C THR D 155 -31.98 -3.52 34.51
N THR D 156 -32.08 -3.88 33.24
CA THR D 156 -31.15 -4.81 32.64
C THR D 156 -30.73 -4.33 31.26
N GLU D 157 -29.41 -4.16 31.12
CA GLU D 157 -28.81 -3.69 29.88
C GLU D 157 -28.54 -4.83 28.92
N VAL D 158 -29.13 -4.75 27.73
CA VAL D 158 -28.94 -5.77 26.70
C VAL D 158 -28.17 -5.12 25.54
N LYS D 159 -27.26 -5.85 24.93
CA LYS D 159 -26.54 -5.28 23.82
C LYS D 159 -26.62 -6.14 22.56
N ASP D 160 -27.26 -5.60 21.53
CA ASP D 160 -27.37 -6.29 20.26
C ASP D 160 -26.27 -5.69 19.42
N GLU D 161 -25.47 -6.55 18.80
CA GLU D 161 -24.36 -6.06 17.99
C GLU D 161 -24.77 -5.25 16.77
N LEU D 162 -26.05 -5.29 16.41
CA LEU D 162 -26.54 -4.58 15.24
C LEU D 162 -27.37 -3.34 15.52
N ARG D 163 -28.01 -3.32 16.68
CA ARG D 163 -28.87 -2.20 17.03
C ARG D 163 -28.29 -1.27 18.07
N GLY D 164 -27.41 -1.80 18.91
CA GLY D 164 -26.82 -1.00 19.96
C GLY D 164 -27.38 -1.43 21.29
N VAL D 165 -27.04 -0.73 22.36
CA VAL D 165 -27.55 -1.08 23.67
C VAL D 165 -29.05 -0.81 23.77
N VAL D 166 -29.72 -1.54 24.66
CA VAL D 166 -31.15 -1.43 24.87
C VAL D 166 -31.44 -1.68 26.34
N VAL D 167 -31.72 -0.63 27.11
CA VAL D 167 -32.00 -0.86 28.52
C VAL D 167 -33.45 -1.22 28.75
N TYR D 168 -33.66 -2.32 29.47
CA TYR D 168 -34.98 -2.82 29.79
C TYR D 168 -35.31 -2.54 31.25
N ASP D 169 -36.60 -2.49 31.57
CA ASP D 169 -37.05 -2.26 32.94
C ASP D 169 -37.41 -3.64 33.47
N ASN D 170 -36.76 -4.07 34.54
CA ASN D 170 -37.00 -5.38 35.13
C ASN D 170 -38.49 -5.67 35.35
N GLN D 171 -39.30 -4.62 35.36
CA GLN D 171 -40.74 -4.78 35.54
C GLN D 171 -41.34 -5.40 34.27
N GLU D 172 -40.56 -5.39 33.19
CA GLU D 172 -41.02 -5.95 31.93
C GLU D 172 -40.48 -7.37 31.72
N ILE D 173 -39.50 -7.74 32.56
CA ILE D 173 -38.90 -9.06 32.48
C ILE D 173 -39.58 -9.96 33.52
N PRO D 174 -40.42 -10.89 33.04
CA PRO D 174 -41.15 -11.82 33.89
C PRO D 174 -40.31 -12.91 34.54
N ASP D 175 -40.77 -13.39 35.69
CA ASP D 175 -40.07 -14.48 36.36
C ASP D 175 -40.42 -15.71 35.56
N VAL D 176 -39.89 -15.80 34.34
CA VAL D 176 -40.18 -16.94 33.48
C VAL D 176 -39.79 -18.27 34.11
N VAL D 177 -40.51 -19.31 33.72
CA VAL D 177 -40.24 -20.65 34.20
C VAL D 177 -38.97 -21.16 33.52
N LEU D 178 -38.03 -21.65 34.32
CA LEU D 178 -36.78 -22.19 33.80
C LEU D 178 -36.88 -23.70 33.63
N LEU D 179 -37.47 -24.37 34.61
CA LEU D 179 -37.64 -25.81 34.56
C LEU D 179 -39.12 -26.18 34.68
N LYS D 180 -39.69 -26.74 33.63
CA LYS D 180 -41.10 -27.13 33.62
C LYS D 180 -41.39 -28.21 34.68
N SER D 181 -42.67 -28.38 35.03
CA SER D 181 -43.04 -29.35 36.05
C SER D 181 -42.80 -30.81 35.62
N ASP D 182 -42.59 -31.05 34.34
CA ASP D 182 -42.35 -32.44 33.91
C ASP D 182 -40.85 -32.72 33.83
N GLY D 183 -40.07 -31.85 34.46
CA GLY D 183 -38.62 -32.01 34.46
C GLY D 183 -37.90 -31.44 33.26
N TYR D 184 -38.63 -31.06 32.22
CA TYR D 184 -38.02 -30.51 31.03
C TYR D 184 -37.80 -29.01 31.16
N PRO D 185 -36.70 -28.50 30.58
CA PRO D 185 -36.36 -27.08 30.63
C PRO D 185 -37.04 -26.28 29.53
N THR D 186 -36.94 -24.96 29.64
CA THR D 186 -37.51 -24.04 28.66
C THR D 186 -36.35 -23.49 27.83
N TYR D 187 -36.62 -22.88 26.67
CA TYR D 187 -35.55 -22.32 25.82
C TYR D 187 -34.64 -21.45 26.65
N HIS D 188 -35.24 -20.68 27.55
CA HIS D 188 -34.49 -19.76 28.37
C HIS D 188 -33.38 -20.40 29.19
N LEU D 189 -33.69 -21.48 29.88
CA LEU D 189 -32.66 -22.14 30.69
C LEU D 189 -31.70 -22.91 29.79
N ALA D 190 -32.26 -23.72 28.91
CA ALA D 190 -31.49 -24.54 27.98
C ALA D 190 -30.51 -23.78 27.10
N ASN D 191 -30.98 -22.71 26.46
CA ASN D 191 -30.08 -21.99 25.57
C ASN D 191 -28.88 -21.41 26.29
N VAL D 192 -29.08 -20.85 27.48
CA VAL D 192 -27.93 -20.30 28.19
C VAL D 192 -26.95 -21.41 28.62
N VAL D 193 -27.48 -22.44 29.29
CA VAL D 193 -26.69 -23.57 29.76
C VAL D 193 -25.92 -24.23 28.61
N ASP D 194 -26.62 -24.61 27.56
CA ASP D 194 -26.01 -25.25 26.40
C ASP D 194 -25.01 -24.35 25.68
N ASP D 195 -25.40 -23.11 25.44
CA ASP D 195 -24.51 -22.18 24.78
C ASP D 195 -23.18 -22.06 25.53
N HIS D 196 -23.25 -21.91 26.85
CA HIS D 196 -22.04 -21.80 27.66
C HIS D 196 -21.17 -23.05 27.55
N LEU D 197 -21.73 -24.20 27.92
CA LEU D 197 -21.02 -25.46 27.87
C LEU D 197 -20.39 -25.79 26.51
N MET D 198 -21.05 -25.39 25.43
CA MET D 198 -20.55 -25.66 24.08
C MET D 198 -19.64 -24.55 23.58
N GLY D 199 -19.36 -23.60 24.49
CA GLY D 199 -18.50 -22.49 24.19
C GLY D 199 -18.91 -21.55 23.07
N VAL D 200 -20.22 -21.34 22.89
CA VAL D 200 -20.67 -20.44 21.83
C VAL D 200 -20.36 -19.00 22.22
N THR D 201 -19.79 -18.24 21.30
CA THR D 201 -19.42 -16.86 21.57
C THR D 201 -20.30 -15.88 20.81
N ASP D 202 -20.90 -16.34 19.71
CA ASP D 202 -21.75 -15.48 18.92
C ASP D 202 -23.13 -16.08 18.69
N VAL D 203 -24.13 -15.53 19.37
CA VAL D 203 -25.50 -15.97 19.25
C VAL D 203 -26.20 -15.18 18.16
N ILE D 204 -26.44 -15.80 17.02
CA ILE D 204 -27.11 -15.16 15.88
C ILE D 204 -28.48 -15.83 15.76
N ARG D 205 -29.53 -15.08 16.07
CA ARG D 205 -30.87 -15.63 16.05
C ARG D 205 -31.90 -14.65 15.50
N ALA D 206 -33.10 -15.15 15.23
CA ALA D 206 -34.18 -14.33 14.70
C ALA D 206 -34.58 -13.24 15.69
N GLU D 207 -34.94 -12.09 15.12
CA GLU D 207 -35.34 -10.92 15.88
C GLU D 207 -36.48 -11.21 16.85
N GLU D 208 -37.22 -12.29 16.63
CA GLU D 208 -38.32 -12.58 17.54
C GLU D 208 -37.85 -12.88 18.96
N TRP D 209 -36.55 -13.05 19.14
CA TRP D 209 -35.98 -13.33 20.45
C TRP D 209 -35.32 -12.13 21.12
N LEU D 210 -35.34 -10.97 20.45
CA LEU D 210 -34.70 -9.81 21.03
C LEU D 210 -35.23 -9.48 22.41
N VAL D 211 -36.56 -9.57 22.59
CA VAL D 211 -37.22 -9.28 23.87
C VAL D 211 -36.82 -10.27 24.96
N SER D 212 -36.47 -11.49 24.57
CA SER D 212 -36.09 -12.51 25.54
C SER D 212 -34.64 -12.35 25.99
N THR D 213 -33.83 -11.66 25.18
CA THR D 213 -32.42 -11.49 25.52
C THR D 213 -32.14 -11.04 26.97
N PRO D 214 -32.93 -10.09 27.52
CA PRO D 214 -32.70 -9.65 28.90
C PRO D 214 -32.76 -10.79 29.90
N ILE D 215 -33.55 -11.80 29.57
CA ILE D 215 -33.71 -12.97 30.43
C ILE D 215 -32.44 -13.82 30.40
N HIS D 216 -31.82 -13.91 29.22
CA HIS D 216 -30.59 -14.67 29.07
C HIS D 216 -29.43 -13.90 29.72
N VAL D 217 -29.43 -12.57 29.56
CA VAL D 217 -28.37 -11.76 30.16
C VAL D 217 -28.38 -11.97 31.66
N LEU D 218 -29.58 -12.02 32.24
CA LEU D 218 -29.76 -12.21 33.66
C LEU D 218 -29.25 -13.58 34.09
N LEU D 219 -29.61 -14.61 33.32
CA LEU D 219 -29.18 -15.97 33.62
C LEU D 219 -27.66 -16.10 33.57
N TYR D 220 -27.05 -15.47 32.58
CA TYR D 220 -25.60 -15.54 32.47
C TYR D 220 -25.03 -14.87 33.73
N ARG D 221 -25.70 -13.85 34.20
CA ARG D 221 -25.24 -13.16 35.40
C ARG D 221 -25.38 -14.07 36.62
N ALA D 222 -26.54 -14.71 36.75
CA ALA D 222 -26.81 -15.60 37.87
C ALA D 222 -25.80 -16.72 37.97
N PHE D 223 -25.40 -17.27 36.83
CA PHE D 223 -24.43 -18.36 36.81
C PHE D 223 -23.01 -17.83 36.93
N GLY D 224 -22.83 -16.52 36.75
CA GLY D 224 -21.51 -15.95 36.85
C GLY D 224 -20.71 -16.16 35.58
N TRP D 225 -21.40 -16.42 34.47
CA TRP D 225 -20.72 -16.64 33.20
C TRP D 225 -20.69 -15.41 32.31
N GLU D 226 -19.72 -15.37 31.42
CA GLU D 226 -19.56 -14.27 30.49
C GLU D 226 -20.59 -14.45 29.37
N ALA D 227 -21.35 -13.38 29.11
CA ALA D 227 -22.37 -13.42 28.08
C ALA D 227 -21.73 -13.30 26.70
N PRO D 228 -22.26 -14.01 25.72
CA PRO D 228 -21.75 -14.00 24.35
C PRO D 228 -22.27 -12.77 23.62
N ARG D 229 -21.81 -12.56 22.38
CA ARG D 229 -22.28 -11.44 21.57
C ARG D 229 -23.64 -11.83 21.01
N PHE D 230 -24.52 -10.84 20.85
CA PHE D 230 -25.85 -11.10 20.31
C PHE D 230 -26.09 -10.41 18.99
N TYR D 231 -26.55 -11.18 18.00
CA TYR D 231 -26.87 -10.64 16.70
C TYR D 231 -28.28 -11.11 16.33
N HIS D 232 -29.21 -10.18 16.22
CA HIS D 232 -30.57 -10.55 15.88
C HIS D 232 -30.92 -10.23 14.44
N MET D 233 -31.30 -11.28 13.71
CA MET D 233 -31.64 -11.17 12.29
C MET D 233 -33.11 -10.82 12.11
N PRO D 234 -33.42 -10.05 11.06
CA PRO D 234 -34.80 -9.64 10.73
C PRO D 234 -35.59 -10.90 10.35
N LEU D 235 -36.89 -10.88 10.62
CA LEU D 235 -37.74 -12.01 10.30
C LEU D 235 -38.13 -11.98 8.82
N LEU D 236 -38.11 -13.14 8.17
CA LEU D 236 -38.51 -13.21 6.77
C LEU D 236 -40.00 -12.97 6.84
N ARG D 237 -40.56 -12.27 5.85
CA ARG D 237 -41.98 -11.93 5.89
C ARG D 237 -42.79 -12.44 4.71
N ASN D 238 -44.06 -12.74 4.97
CA ASN D 238 -44.98 -13.17 3.90
C ASN D 238 -45.13 -11.92 3.05
N PRO D 239 -45.91 -12.00 1.96
CA PRO D 239 -46.03 -10.78 1.17
C PRO D 239 -46.80 -9.69 1.90
N ASP D 240 -47.71 -10.06 2.82
CA ASP D 240 -48.47 -9.06 3.59
C ASP D 240 -47.67 -8.54 4.79
N LYS D 241 -46.35 -8.74 4.73
CA LYS D 241 -45.38 -8.32 5.73
C LYS D 241 -45.41 -8.99 7.11
N THR D 242 -46.29 -9.96 7.32
CA THR D 242 -46.33 -10.67 8.60
C THR D 242 -45.21 -11.71 8.54
N LYS D 243 -44.73 -12.18 9.69
CA LYS D 243 -43.66 -13.16 9.65
C LYS D 243 -44.09 -14.35 8.78
N ILE D 244 -43.27 -14.66 7.78
CA ILE D 244 -43.54 -15.73 6.85
C ILE D 244 -44.20 -16.94 7.54
N SER D 245 -45.28 -17.44 6.94
CA SER D 245 -46.02 -18.56 7.50
C SER D 245 -46.43 -19.55 6.43
N LYS D 246 -46.72 -20.78 6.84
CA LYS D 246 -47.08 -21.85 5.92
C LYS D 246 -48.38 -21.67 5.17
N ARG D 247 -49.14 -20.64 5.52
CA ARG D 247 -50.43 -20.42 4.86
C ARG D 247 -50.40 -19.34 3.79
N LYS D 248 -49.70 -18.24 4.03
CA LYS D 248 -49.63 -17.16 3.05
C LYS D 248 -48.39 -17.29 2.17
N SER D 249 -47.53 -18.25 2.50
CA SER D 249 -46.29 -18.46 1.75
C SER D 249 -45.84 -19.92 1.80
N HIS D 250 -44.77 -20.21 1.09
CA HIS D 250 -44.20 -21.55 1.09
C HIS D 250 -42.99 -21.48 2.01
N THR D 251 -43.07 -22.13 3.16
CA THR D 251 -41.99 -22.11 4.11
C THR D 251 -41.21 -23.42 4.17
N SER D 252 -41.77 -24.48 3.60
CA SER D 252 -41.10 -25.78 3.63
C SER D 252 -40.03 -25.92 2.55
N LEU D 253 -38.80 -26.13 2.98
CA LEU D 253 -37.70 -26.29 2.05
C LEU D 253 -37.94 -27.45 1.11
N ASP D 254 -38.72 -28.44 1.57
CA ASP D 254 -39.04 -29.61 0.74
C ASP D 254 -39.90 -29.19 -0.46
N TRP D 255 -40.72 -28.17 -0.29
CA TRP D 255 -41.57 -27.70 -1.38
C TRP D 255 -40.70 -27.07 -2.45
N TYR D 256 -39.68 -26.32 -2.02
CA TYR D 256 -38.78 -25.66 -2.96
C TYR D 256 -38.00 -26.68 -3.76
N LYS D 257 -37.47 -27.68 -3.07
CA LYS D 257 -36.71 -28.72 -3.74
C LYS D 257 -37.62 -29.51 -4.68
N ALA D 258 -38.88 -29.69 -4.30
CA ALA D 258 -39.82 -30.44 -5.13
C ALA D 258 -40.26 -29.66 -6.36
N GLU D 259 -40.26 -28.34 -6.24
CA GLU D 259 -40.69 -27.47 -7.33
C GLU D 259 -39.60 -27.22 -8.37
N GLY D 260 -38.41 -27.76 -8.13
CA GLY D 260 -37.33 -27.57 -9.08
C GLY D 260 -36.40 -26.40 -8.81
N PHE D 261 -36.36 -25.91 -7.57
CA PHE D 261 -35.46 -24.80 -7.24
C PHE D 261 -34.10 -25.39 -6.87
N LEU D 262 -33.03 -24.74 -7.35
CA LEU D 262 -31.67 -25.21 -7.08
C LEU D 262 -31.21 -24.74 -5.72
N PRO D 263 -30.72 -25.66 -4.88
CA PRO D 263 -30.27 -25.21 -3.56
C PRO D 263 -29.29 -24.04 -3.65
N GLU D 264 -28.43 -24.06 -4.66
CA GLU D 264 -27.47 -22.98 -4.79
C GLU D 264 -28.18 -21.66 -5.02
N ALA D 265 -29.25 -21.67 -5.81
CA ALA D 265 -29.99 -20.45 -6.07
C ALA D 265 -30.74 -20.02 -4.81
N LEU D 266 -31.41 -20.95 -4.15
CA LEU D 266 -32.16 -20.65 -2.93
C LEU D 266 -31.22 -20.06 -1.85
N ARG D 267 -30.02 -20.62 -1.71
CA ARG D 267 -29.05 -20.15 -0.72
C ARG D 267 -28.56 -18.75 -1.10
N ASN D 268 -28.38 -18.52 -2.39
CA ASN D 268 -27.93 -17.23 -2.85
C ASN D 268 -29.04 -16.20 -2.59
N TYR D 269 -30.29 -16.57 -2.85
CA TYR D 269 -31.41 -15.65 -2.63
C TYR D 269 -31.47 -15.25 -1.16
N LEU D 270 -31.33 -16.24 -0.28
CA LEU D 270 -31.36 -15.99 1.16
C LEU D 270 -30.26 -15.01 1.58
N CYS D 271 -29.13 -15.01 0.87
CA CYS D 271 -28.05 -14.11 1.19
C CYS D 271 -28.52 -12.67 0.98
N LEU D 272 -29.33 -12.48 -0.05
CA LEU D 272 -29.82 -11.15 -0.37
C LEU D 272 -30.89 -10.66 0.61
N MET D 273 -31.36 -11.56 1.47
CA MET D 273 -32.36 -11.24 2.50
C MET D 273 -31.65 -10.62 3.72
N GLY D 274 -31.18 -9.38 3.56
CA GLY D 274 -30.51 -8.71 4.65
C GLY D 274 -29.05 -8.40 4.37
N PHE D 275 -28.51 -8.93 3.28
CA PHE D 275 -27.11 -8.68 2.99
C PHE D 275 -26.91 -8.32 1.53
N SER D 276 -25.85 -7.57 1.23
CA SER D 276 -25.56 -7.17 -0.13
C SER D 276 -24.06 -6.96 -0.30
N MET D 277 -23.53 -7.34 -1.46
CA MET D 277 -22.11 -7.18 -1.75
C MET D 277 -21.81 -5.72 -2.07
N PRO D 278 -20.63 -5.23 -1.69
CA PRO D 278 -20.22 -3.85 -1.93
C PRO D 278 -20.43 -3.41 -3.39
N ASP D 279 -20.00 -4.24 -4.34
CA ASP D 279 -20.19 -3.87 -5.75
C ASP D 279 -21.62 -4.15 -6.23
N GLY D 280 -22.48 -4.49 -5.28
CA GLY D 280 -23.87 -4.75 -5.62
C GLY D 280 -24.17 -5.92 -6.52
N ARG D 281 -23.22 -6.82 -6.74
CA ARG D 281 -23.50 -7.97 -7.60
C ARG D 281 -24.44 -8.91 -6.84
N GLU D 282 -25.40 -9.50 -7.54
CA GLU D 282 -26.40 -10.37 -6.91
C GLU D 282 -26.17 -11.88 -7.03
N ILE D 283 -25.39 -12.28 -8.02
CA ILE D 283 -25.11 -13.70 -8.17
C ILE D 283 -23.69 -13.95 -7.70
N PHE D 284 -23.54 -14.81 -6.71
CA PHE D 284 -22.24 -15.17 -6.15
C PHE D 284 -22.32 -16.49 -5.43
N THR D 285 -21.17 -17.08 -5.14
CA THR D 285 -21.11 -18.38 -4.48
C THR D 285 -21.17 -18.28 -2.96
N LEU D 286 -21.34 -19.42 -2.33
CA LEU D 286 -21.40 -19.47 -0.89
C LEU D 286 -20.03 -19.09 -0.35
N GLU D 287 -18.97 -19.47 -1.07
CA GLU D 287 -17.64 -19.12 -0.60
C GLU D 287 -17.41 -17.63 -0.68
N GLU D 288 -17.92 -17.03 -1.75
CA GLU D 288 -17.77 -15.59 -1.94
C GLU D 288 -18.57 -14.85 -0.87
N PHE D 289 -19.62 -15.50 -0.40
CA PHE D 289 -20.46 -14.92 0.63
C PHE D 289 -19.72 -14.83 1.96
N ILE D 290 -19.06 -15.92 2.35
CA ILE D 290 -18.36 -15.89 3.62
C ILE D 290 -17.16 -14.96 3.57
N GLN D 291 -16.54 -14.84 2.40
CA GLN D 291 -15.38 -13.98 2.25
C GLN D 291 -15.75 -12.50 2.37
N ALA D 292 -16.88 -12.13 1.80
CA ALA D 292 -17.33 -10.75 1.82
C ALA D 292 -18.25 -10.41 2.98
N PHE D 293 -18.50 -11.37 3.87
CA PHE D 293 -19.39 -11.08 4.97
C PHE D 293 -18.90 -10.03 5.95
N THR D 294 -19.83 -9.19 6.43
CA THR D 294 -19.52 -8.13 7.38
C THR D 294 -20.84 -7.59 7.92
N TRP D 295 -20.97 -7.50 9.24
CA TRP D 295 -22.21 -7.02 9.84
C TRP D 295 -22.52 -5.57 9.46
N GLU D 296 -21.61 -4.94 8.74
CA GLU D 296 -21.82 -3.58 8.29
C GLU D 296 -22.78 -3.58 7.11
N ARG D 297 -22.72 -4.62 6.29
CA ARG D 297 -23.56 -4.73 5.11
C ARG D 297 -24.86 -5.49 5.34
N VAL D 298 -25.30 -5.57 6.58
CA VAL D 298 -26.55 -6.27 6.90
C VAL D 298 -27.65 -5.26 7.22
N SER D 299 -28.71 -5.25 6.41
CA SER D 299 -29.83 -4.33 6.62
C SER D 299 -30.76 -4.91 7.68
N LEU D 300 -31.50 -4.05 8.37
CA LEU D 300 -32.40 -4.51 9.44
C LEU D 300 -33.90 -4.51 9.16
N GLY D 301 -34.30 -4.22 7.93
CA GLY D 301 -35.71 -4.24 7.62
C GLY D 301 -36.19 -5.66 7.43
N GLY D 302 -37.45 -5.93 7.75
CA GLY D 302 -38.00 -7.27 7.61
C GLY D 302 -38.24 -7.58 6.14
N PRO D 303 -37.35 -8.35 5.52
CA PRO D 303 -37.44 -8.73 4.10
C PRO D 303 -38.66 -9.56 3.70
N VAL D 304 -39.29 -9.19 2.59
CA VAL D 304 -40.42 -9.97 2.09
C VAL D 304 -39.80 -11.01 1.18
N PHE D 305 -40.18 -12.27 1.34
CA PHE D 305 -39.63 -13.30 0.49
C PHE D 305 -40.44 -13.26 -0.79
N ASP D 306 -39.77 -12.80 -1.85
CA ASP D 306 -40.34 -12.65 -3.19
C ASP D 306 -40.06 -13.85 -4.09
N LEU D 307 -41.03 -14.73 -4.20
CA LEU D 307 -40.93 -15.93 -5.03
C LEU D 307 -40.49 -15.58 -6.44
N GLU D 308 -40.98 -14.45 -6.92
CA GLU D 308 -40.66 -13.97 -8.25
C GLU D 308 -39.18 -13.74 -8.40
N LYS D 309 -38.57 -13.08 -7.43
CA LYS D 309 -37.13 -12.82 -7.51
C LYS D 309 -36.36 -14.15 -7.43
N LEU D 310 -36.84 -15.08 -6.59
CA LEU D 310 -36.20 -16.37 -6.44
C LEU D 310 -36.18 -17.02 -7.81
N ARG D 311 -37.35 -17.09 -8.44
CA ARG D 311 -37.47 -17.70 -9.77
C ARG D 311 -36.45 -17.10 -10.71
N TRP D 312 -36.42 -15.78 -10.78
CA TRP D 312 -35.45 -15.14 -11.65
C TRP D 312 -34.08 -15.67 -11.33
N MET D 313 -33.72 -15.67 -10.06
CA MET D 313 -32.41 -16.12 -9.68
C MET D 313 -32.17 -17.55 -10.09
N ASN D 314 -33.16 -18.41 -9.85
CA ASN D 314 -33.03 -19.81 -10.20
C ASN D 314 -32.75 -19.95 -11.69
N GLY D 315 -33.44 -19.17 -12.51
CA GLY D 315 -33.20 -19.22 -13.94
C GLY D 315 -31.81 -18.72 -14.31
N LYS D 316 -31.32 -17.76 -13.54
CA LYS D 316 -30.00 -17.18 -13.75
C LYS D 316 -28.91 -18.25 -13.51
N TYR D 317 -29.12 -19.09 -12.48
CA TYR D 317 -28.17 -20.17 -12.18
C TYR D 317 -28.20 -21.19 -13.28
N ILE D 318 -29.41 -21.56 -13.69
CA ILE D 318 -29.60 -22.53 -14.73
C ILE D 318 -28.87 -22.11 -16.00
N ARG D 319 -28.92 -20.82 -16.33
CA ARG D 319 -28.29 -20.46 -17.59
C ARG D 319 -26.93 -19.78 -17.55
N GLU D 320 -26.45 -19.42 -16.36
CA GLU D 320 -25.17 -18.74 -16.26
C GLU D 320 -24.16 -19.30 -15.27
N VAL D 321 -24.60 -20.10 -14.32
CA VAL D 321 -23.69 -20.63 -13.31
C VAL D 321 -23.36 -22.09 -13.49
N LEU D 322 -24.38 -22.92 -13.63
CA LEU D 322 -24.16 -24.35 -13.82
C LEU D 322 -23.80 -24.58 -15.27
N SER D 323 -23.09 -25.68 -15.52
CA SER D 323 -22.71 -26.00 -16.87
C SER D 323 -23.90 -26.67 -17.54
N LEU D 324 -23.86 -26.77 -18.86
CA LEU D 324 -24.95 -27.39 -19.59
C LEU D 324 -25.07 -28.80 -19.04
N GLU D 325 -23.93 -29.46 -18.87
CA GLU D 325 -23.88 -30.81 -18.35
C GLU D 325 -24.55 -30.97 -16.99
N GLU D 326 -24.30 -30.02 -16.09
CA GLU D 326 -24.89 -30.10 -14.76
C GLU D 326 -26.40 -29.90 -14.75
N VAL D 327 -26.91 -29.03 -15.62
CA VAL D 327 -28.36 -28.85 -15.67
C VAL D 327 -28.99 -30.13 -16.21
N ALA D 328 -28.37 -30.74 -17.23
CA ALA D 328 -28.87 -31.97 -17.83
C ALA D 328 -29.05 -33.04 -16.76
N GLU D 329 -28.08 -33.14 -15.86
CA GLU D 329 -28.14 -34.10 -14.77
C GLU D 329 -29.24 -33.76 -13.79
N ARG D 330 -29.32 -32.49 -13.43
CA ARG D 330 -30.30 -32.05 -12.46
C ARG D 330 -31.75 -32.11 -12.94
N VAL D 331 -31.91 -32.15 -14.24
CA VAL D 331 -33.23 -32.21 -14.84
C VAL D 331 -33.80 -33.63 -14.90
N LYS D 332 -32.94 -34.63 -14.88
CA LYS D 332 -33.39 -36.03 -14.97
C LYS D 332 -34.51 -36.46 -14.02
N PRO D 333 -34.31 -36.26 -12.71
CA PRO D 333 -35.38 -36.68 -11.81
C PRO D 333 -36.75 -36.10 -12.13
N PHE D 334 -36.78 -34.91 -12.72
CA PHE D 334 -38.05 -34.28 -13.05
C PHE D 334 -38.65 -34.88 -14.29
N LEU D 335 -37.79 -35.29 -15.22
CA LEU D 335 -38.29 -35.93 -16.42
C LEU D 335 -38.88 -37.24 -15.93
N ARG D 336 -38.16 -37.91 -15.04
CA ARG D 336 -38.61 -39.18 -14.50
C ARG D 336 -39.94 -39.05 -13.77
N GLU D 337 -40.12 -37.92 -13.09
CA GLU D 337 -41.35 -37.68 -12.35
C GLU D 337 -42.55 -37.39 -13.26
N ALA D 338 -42.27 -36.95 -14.49
CA ALA D 338 -43.33 -36.65 -15.44
C ALA D 338 -43.63 -37.83 -16.34
N GLY D 339 -43.04 -38.97 -16.01
CA GLY D 339 -43.24 -40.18 -16.79
C GLY D 339 -42.61 -40.12 -18.16
N LEU D 340 -41.61 -39.24 -18.33
CA LEU D 340 -40.91 -39.04 -19.59
C LEU D 340 -39.52 -39.67 -19.59
N SER D 341 -39.00 -39.97 -20.78
CA SER D 341 -37.69 -40.55 -20.89
C SER D 341 -36.94 -39.98 -22.10
N TRP D 342 -35.62 -39.94 -22.00
CA TRP D 342 -34.76 -39.45 -23.07
C TRP D 342 -34.08 -40.65 -23.74
N GLU D 343 -33.74 -40.52 -25.03
CA GLU D 343 -33.12 -41.64 -25.74
C GLU D 343 -31.65 -41.87 -25.43
N SER D 344 -30.96 -40.80 -25.04
CA SER D 344 -29.53 -40.89 -24.75
C SER D 344 -29.07 -39.64 -24.02
N GLU D 345 -27.86 -39.67 -23.49
CA GLU D 345 -27.32 -38.50 -22.80
C GLU D 345 -27.16 -37.42 -23.86
N ALA D 346 -26.63 -37.82 -25.02
CA ALA D 346 -26.41 -36.87 -26.09
C ALA D 346 -27.69 -36.15 -26.45
N TYR D 347 -28.79 -36.88 -26.51
CA TYR D 347 -30.05 -36.27 -26.85
C TYR D 347 -30.51 -35.29 -25.79
N LEU D 348 -30.53 -35.74 -24.54
CA LEU D 348 -30.98 -34.91 -23.45
C LEU D 348 -30.18 -33.60 -23.38
N ARG D 349 -28.87 -33.72 -23.53
CA ARG D 349 -28.00 -32.56 -23.46
C ARG D 349 -28.41 -31.54 -24.51
N ARG D 350 -28.64 -32.01 -25.73
CA ARG D 350 -29.05 -31.11 -26.80
C ARG D 350 -30.42 -30.53 -26.52
N ALA D 351 -31.31 -31.34 -25.95
CA ALA D 351 -32.65 -30.88 -25.62
C ALA D 351 -32.56 -29.77 -24.56
N VAL D 352 -31.75 -30.01 -23.52
CA VAL D 352 -31.60 -29.01 -22.48
C VAL D 352 -30.94 -27.74 -22.99
N GLU D 353 -30.01 -27.89 -23.91
CA GLU D 353 -29.32 -26.73 -24.46
C GLU D 353 -30.28 -25.77 -25.14
N LEU D 354 -31.16 -26.31 -25.97
CA LEU D 354 -32.13 -25.49 -26.71
C LEU D 354 -33.16 -24.85 -25.79
N MET D 355 -33.38 -25.46 -24.64
CA MET D 355 -34.38 -24.97 -23.71
C MET D 355 -33.85 -24.14 -22.55
N ARG D 356 -32.53 -24.16 -22.34
CA ARG D 356 -31.94 -23.42 -21.22
C ARG D 356 -32.46 -22.01 -20.95
N PRO D 357 -32.59 -21.19 -21.98
CA PRO D 357 -33.09 -19.85 -21.71
C PRO D 357 -34.62 -19.80 -21.59
N ARG D 358 -35.26 -20.96 -21.55
CA ARG D 358 -36.73 -21.03 -21.50
C ARG D 358 -37.40 -21.63 -20.27
N PHE D 359 -36.63 -21.98 -19.26
CA PHE D 359 -37.25 -22.50 -18.03
C PHE D 359 -36.50 -21.97 -16.82
N ASP D 360 -37.26 -21.50 -15.83
CA ASP D 360 -36.66 -20.95 -14.62
C ASP D 360 -36.58 -21.91 -13.46
N THR D 361 -37.26 -23.05 -13.56
CA THR D 361 -37.19 -24.06 -12.53
C THR D 361 -37.09 -25.42 -13.19
N LEU D 362 -36.37 -26.35 -12.56
CA LEU D 362 -36.17 -27.69 -13.10
C LEU D 362 -37.47 -28.39 -13.51
N LYS D 363 -38.53 -28.13 -12.76
CA LYS D 363 -39.82 -28.73 -13.02
C LYS D 363 -40.48 -28.18 -14.29
N GLU D 364 -40.08 -26.97 -14.70
CA GLU D 364 -40.65 -26.37 -15.90
C GLU D 364 -40.14 -27.03 -17.16
N PHE D 365 -38.94 -27.63 -17.09
CA PHE D 365 -38.35 -28.27 -18.26
C PHE D 365 -39.24 -29.31 -18.95
N PRO D 366 -39.66 -30.36 -18.24
CA PRO D 366 -40.53 -31.36 -18.87
C PRO D 366 -41.90 -30.77 -19.29
N GLU D 367 -42.28 -29.65 -18.70
CA GLU D 367 -43.55 -29.03 -19.03
C GLU D 367 -43.52 -28.35 -20.40
N LYS D 368 -42.57 -27.43 -20.57
CA LYS D 368 -42.45 -26.69 -21.82
C LYS D 368 -41.71 -27.43 -22.94
N ALA D 369 -41.00 -28.50 -22.60
CA ALA D 369 -40.26 -29.27 -23.60
C ALA D 369 -40.84 -30.67 -23.79
N ARG D 370 -42.03 -30.89 -23.24
CA ARG D 370 -42.68 -32.19 -23.33
C ARG D 370 -42.63 -32.84 -24.72
N TYR D 371 -42.87 -32.05 -25.77
CA TYR D 371 -42.89 -32.57 -27.14
C TYR D 371 -41.57 -33.12 -27.64
N LEU D 372 -40.50 -32.91 -26.88
CA LEU D 372 -39.18 -33.40 -27.25
C LEU D 372 -38.90 -34.80 -26.71
N PHE D 373 -39.76 -35.30 -25.82
CA PHE D 373 -39.56 -36.60 -25.21
C PHE D 373 -40.69 -37.60 -25.41
N THR D 374 -41.85 -37.12 -25.87
CA THR D 374 -42.98 -37.99 -26.06
C THR D 374 -43.86 -37.49 -27.18
N GLU D 375 -44.74 -38.36 -27.64
CA GLU D 375 -45.66 -38.00 -28.71
C GLU D 375 -46.94 -37.47 -28.03
N ASP D 376 -47.03 -37.65 -26.72
CA ASP D 376 -48.17 -37.24 -25.91
C ASP D 376 -48.05 -35.81 -25.39
N TYR D 377 -48.10 -34.85 -26.31
CA TYR D 377 -47.98 -33.44 -25.96
C TYR D 377 -49.23 -32.68 -26.36
N PRO D 378 -49.50 -31.55 -25.69
CA PRO D 378 -50.68 -30.73 -25.99
C PRO D 378 -50.51 -29.85 -27.22
N VAL D 379 -51.63 -29.43 -27.81
CA VAL D 379 -51.62 -28.56 -28.99
C VAL D 379 -52.43 -27.28 -28.69
N SER D 380 -51.76 -26.14 -28.60
CA SER D 380 -52.48 -24.90 -28.29
C SER D 380 -53.40 -24.48 -29.44
N GLU D 381 -54.54 -23.90 -29.08
CA GLU D 381 -55.49 -23.45 -30.10
C GLU D 381 -54.78 -22.56 -31.09
N LYS D 382 -53.94 -21.66 -30.60
CA LYS D 382 -53.17 -20.74 -31.44
C LYS D 382 -52.33 -21.53 -32.45
N ALA D 383 -51.72 -22.60 -31.98
CA ALA D 383 -50.89 -23.43 -32.84
C ALA D 383 -51.75 -24.16 -33.87
N GLN D 384 -52.91 -24.64 -33.43
CA GLN D 384 -53.82 -25.35 -34.31
C GLN D 384 -54.32 -24.42 -35.44
N ARG D 385 -54.72 -23.20 -35.07
CA ARG D 385 -55.19 -22.25 -36.07
C ARG D 385 -54.07 -21.98 -37.06
N LYS D 386 -52.84 -21.86 -36.55
CA LYS D 386 -51.69 -21.58 -37.41
C LYS D 386 -51.37 -22.75 -38.32
N LEU D 387 -51.58 -23.97 -37.82
CA LEU D 387 -51.32 -25.16 -38.60
C LEU D 387 -52.32 -25.24 -39.76
N GLU D 388 -53.59 -25.11 -39.43
CA GLU D 388 -54.64 -25.18 -40.46
C GLU D 388 -54.48 -24.07 -41.50
N GLU D 389 -54.03 -22.91 -41.06
CA GLU D 389 -53.84 -21.76 -41.94
C GLU D 389 -52.65 -21.93 -42.89
N GLY D 390 -51.77 -22.88 -42.60
CA GLY D 390 -50.61 -23.08 -43.46
C GLY D 390 -50.48 -24.46 -44.07
N LEU D 391 -51.53 -25.27 -43.93
CA LEU D 391 -51.55 -26.62 -44.46
C LEU D 391 -51.13 -26.71 -45.93
N PRO D 392 -51.67 -25.82 -46.78
CA PRO D 392 -51.30 -25.86 -48.20
C PRO D 392 -49.80 -25.73 -48.41
N LEU D 393 -49.18 -24.78 -47.72
CA LEU D 393 -47.74 -24.57 -47.83
C LEU D 393 -46.99 -25.80 -47.35
N LEU D 394 -47.35 -26.30 -46.17
CA LEU D 394 -46.71 -27.48 -45.60
C LEU D 394 -46.81 -28.66 -46.55
N LYS D 395 -47.98 -28.85 -47.14
CA LYS D 395 -48.17 -29.95 -48.07
C LYS D 395 -47.24 -29.84 -49.28
N GLU D 396 -46.93 -28.61 -49.71
CA GLU D 396 -46.04 -28.38 -50.83
C GLU D 396 -44.58 -28.47 -50.39
N LEU D 397 -44.35 -28.36 -49.09
CA LEU D 397 -43.01 -28.42 -48.52
C LEU D 397 -42.61 -29.85 -48.24
N TYR D 398 -43.57 -30.66 -47.79
CA TYR D 398 -43.32 -32.05 -47.46
C TYR D 398 -42.48 -32.84 -48.47
N PRO D 399 -42.89 -32.87 -49.75
CA PRO D 399 -42.12 -33.63 -50.73
C PRO D 399 -40.67 -33.19 -50.76
N ARG D 400 -40.43 -31.90 -50.52
CA ARG D 400 -39.06 -31.41 -50.52
C ARG D 400 -38.26 -31.94 -49.34
N LEU D 401 -38.90 -32.03 -48.19
CA LEU D 401 -38.24 -32.53 -46.99
C LEU D 401 -38.00 -34.02 -47.10
N ARG D 402 -38.91 -34.72 -47.76
CA ARG D 402 -38.83 -36.15 -47.95
C ARG D 402 -37.62 -36.53 -48.79
N ALA D 403 -37.20 -35.61 -49.65
CA ALA D 403 -36.06 -35.87 -50.52
C ALA D 403 -34.81 -35.12 -50.09
N GLN D 404 -34.83 -34.54 -48.89
CA GLN D 404 -33.67 -33.81 -48.39
C GLN D 404 -32.65 -34.79 -47.80
N GLU D 405 -31.53 -34.97 -48.48
CA GLU D 405 -30.52 -35.91 -47.99
C GLU D 405 -29.73 -35.37 -46.80
N GLU D 406 -29.15 -34.19 -46.96
CA GLU D 406 -28.38 -33.55 -45.89
C GLU D 406 -29.34 -32.97 -44.84
N TRP D 407 -29.50 -33.66 -43.71
CA TRP D 407 -30.41 -33.19 -42.68
C TRP D 407 -29.72 -32.47 -41.54
N THR D 408 -29.20 -31.28 -41.85
CA THR D 408 -28.51 -30.45 -40.87
C THR D 408 -29.19 -29.09 -40.74
N GLU D 409 -28.94 -28.41 -39.64
CA GLU D 409 -29.52 -27.09 -39.39
C GLU D 409 -29.16 -26.11 -40.49
N ALA D 410 -27.95 -26.25 -41.03
CA ALA D 410 -27.52 -25.35 -42.10
C ALA D 410 -28.27 -25.65 -43.38
N ALA D 411 -28.30 -26.93 -43.76
CA ALA D 411 -28.99 -27.32 -44.99
C ALA D 411 -30.49 -27.06 -44.89
N LEU D 412 -31.09 -27.43 -43.76
CA LEU D 412 -32.52 -27.22 -43.58
C LEU D 412 -32.90 -25.74 -43.67
N GLU D 413 -32.06 -24.85 -43.14
CA GLU D 413 -32.36 -23.42 -43.21
C GLU D 413 -32.37 -22.99 -44.67
N ALA D 414 -31.33 -23.38 -45.40
CA ALA D 414 -31.22 -23.03 -46.82
C ALA D 414 -32.45 -23.50 -47.60
N LEU D 415 -32.89 -24.73 -47.33
CA LEU D 415 -34.05 -25.29 -48.02
C LEU D 415 -35.33 -24.47 -47.77
N LEU D 416 -35.63 -24.24 -46.49
CA LEU D 416 -36.81 -23.50 -46.09
C LEU D 416 -36.83 -22.05 -46.55
N ARG D 417 -35.69 -21.36 -46.48
CA ARG D 417 -35.66 -19.97 -46.95
C ARG D 417 -35.91 -19.95 -48.45
N GLY D 418 -35.24 -20.85 -49.18
CA GLY D 418 -35.41 -20.91 -50.61
C GLY D 418 -36.85 -21.22 -50.97
N PHE D 419 -37.47 -22.12 -50.21
CA PHE D 419 -38.84 -22.50 -50.46
C PHE D 419 -39.73 -21.31 -50.19
N ALA D 420 -39.39 -20.53 -49.17
CA ALA D 420 -40.16 -19.34 -48.81
C ALA D 420 -40.12 -18.31 -49.92
N ALA D 421 -38.93 -18.09 -50.47
CA ALA D 421 -38.75 -17.12 -51.55
C ALA D 421 -39.45 -17.63 -52.80
N GLU D 422 -39.16 -18.87 -53.15
CA GLU D 422 -39.74 -19.50 -54.33
C GLU D 422 -41.26 -19.41 -54.32
N LYS D 423 -41.84 -19.40 -53.13
CA LYS D 423 -43.28 -19.34 -53.00
C LYS D 423 -43.69 -17.89 -52.72
N GLY D 424 -42.72 -16.99 -52.87
CA GLY D 424 -42.95 -15.56 -52.64
C GLY D 424 -43.70 -15.29 -51.35
N VAL D 425 -43.07 -15.63 -50.23
CA VAL D 425 -43.68 -15.47 -48.91
C VAL D 425 -42.60 -15.32 -47.84
N LYS D 426 -42.94 -14.73 -46.70
CA LYS D 426 -41.97 -14.55 -45.61
C LYS D 426 -41.71 -15.90 -44.91
N LEU D 427 -40.46 -16.12 -44.50
CA LEU D 427 -40.07 -17.37 -43.82
C LEU D 427 -41.03 -17.74 -42.68
N GLY D 428 -41.31 -16.77 -41.79
CA GLY D 428 -42.22 -17.05 -40.70
C GLY D 428 -43.49 -17.73 -41.17
N GLN D 429 -43.97 -17.39 -42.36
CA GLN D 429 -45.19 -17.97 -42.90
C GLN D 429 -45.05 -19.47 -43.17
N VAL D 430 -43.81 -19.93 -43.27
CA VAL D 430 -43.50 -21.35 -43.50
C VAL D 430 -43.04 -21.99 -42.19
N ALA D 431 -42.18 -21.27 -41.47
CA ALA D 431 -41.62 -21.73 -40.20
C ALA D 431 -42.64 -21.82 -39.09
N GLN D 432 -43.49 -20.80 -38.97
CA GLN D 432 -44.50 -20.81 -37.91
C GLN D 432 -45.47 -21.99 -37.97
N PRO D 433 -46.05 -22.27 -39.15
CA PRO D 433 -46.97 -23.42 -39.16
C PRO D 433 -46.22 -24.76 -39.01
N LEU D 434 -44.97 -24.80 -39.45
CA LEU D 434 -44.18 -26.01 -39.33
C LEU D 434 -43.88 -26.26 -37.86
N ARG D 435 -43.57 -25.18 -37.15
CA ARG D 435 -43.27 -25.26 -35.72
C ARG D 435 -44.49 -25.86 -35.03
N ALA D 436 -45.68 -25.46 -35.48
CA ALA D 436 -46.91 -25.96 -34.87
C ALA D 436 -47.07 -27.46 -35.09
N ALA D 437 -46.74 -27.92 -36.29
CA ALA D 437 -46.88 -29.33 -36.60
C ALA D 437 -45.90 -30.18 -35.80
N LEU D 438 -44.68 -29.69 -35.65
CA LEU D 438 -43.65 -30.42 -34.92
C LEU D 438 -43.71 -30.32 -33.40
N THR D 439 -44.23 -29.20 -32.88
CA THR D 439 -44.23 -29.03 -31.44
C THR D 439 -45.57 -28.86 -30.74
N GLY D 440 -46.65 -28.67 -31.49
CA GLY D 440 -47.93 -28.46 -30.84
C GLY D 440 -47.92 -27.13 -30.10
N SER D 441 -46.94 -26.28 -30.42
CA SER D 441 -46.79 -24.99 -29.79
C SER D 441 -46.26 -23.91 -30.73
N LEU D 442 -46.39 -22.65 -30.29
CA LEU D 442 -45.92 -21.53 -31.09
C LEU D 442 -44.85 -20.75 -30.34
N GLU D 443 -44.45 -21.27 -29.17
CA GLU D 443 -43.41 -20.66 -28.32
C GLU D 443 -42.39 -21.77 -28.14
N THR D 444 -41.31 -21.68 -28.89
CA THR D 444 -40.33 -22.76 -28.89
C THR D 444 -38.95 -22.27 -29.29
N PRO D 445 -37.95 -23.15 -29.21
CA PRO D 445 -36.63 -22.66 -29.63
C PRO D 445 -36.56 -22.59 -31.15
N GLY D 446 -35.40 -22.20 -31.68
CA GLY D 446 -35.23 -22.07 -33.12
C GLY D 446 -35.79 -23.20 -33.97
N LEU D 447 -36.48 -22.85 -35.05
CA LEU D 447 -37.06 -23.87 -35.93
C LEU D 447 -36.05 -24.84 -36.54
N PHE D 448 -34.95 -24.30 -37.03
CA PHE D 448 -33.95 -25.15 -37.67
C PHE D 448 -33.31 -26.17 -36.72
N GLU D 449 -33.04 -25.80 -35.47
CA GLU D 449 -32.46 -26.78 -34.57
C GLU D 449 -33.51 -27.74 -34.03
N ILE D 450 -34.76 -27.28 -33.97
CA ILE D 450 -35.87 -28.10 -33.50
C ILE D 450 -36.17 -29.14 -34.59
N LEU D 451 -36.05 -28.71 -35.85
CA LEU D 451 -36.31 -29.60 -36.96
C LEU D 451 -35.20 -30.63 -37.12
N ALA D 452 -33.96 -30.20 -36.88
CA ALA D 452 -32.83 -31.10 -37.03
C ALA D 452 -32.65 -32.13 -35.91
N LEU D 453 -32.83 -31.68 -34.67
CA LEU D 453 -32.68 -32.53 -33.49
C LEU D 453 -33.21 -33.96 -33.58
N LEU D 454 -34.44 -34.11 -34.05
CA LEU D 454 -35.08 -35.42 -34.16
C LEU D 454 -34.60 -36.34 -35.27
N GLY D 455 -34.12 -35.77 -36.36
CA GLY D 455 -33.69 -36.60 -37.47
C GLY D 455 -34.77 -36.57 -38.53
N LYS D 456 -34.40 -36.90 -39.76
CA LYS D 456 -35.35 -36.88 -40.87
C LYS D 456 -36.60 -37.71 -40.64
N GLU D 457 -36.44 -39.00 -40.38
CA GLU D 457 -37.60 -39.85 -40.22
C GLU D 457 -38.55 -39.48 -39.08
N ARG D 458 -38.00 -39.21 -37.91
CA ARG D 458 -38.83 -38.87 -36.76
C ARG D 458 -39.60 -37.57 -37.08
N ALA D 459 -38.93 -36.64 -37.76
CA ALA D 459 -39.55 -35.37 -38.11
C ALA D 459 -40.65 -35.53 -39.17
N LEU D 460 -40.37 -36.33 -40.19
CA LEU D 460 -41.35 -36.59 -41.23
C LEU D 460 -42.61 -37.25 -40.67
N ARG D 461 -42.42 -38.29 -39.88
CA ARG D 461 -43.55 -39.00 -39.29
C ARG D 461 -44.47 -38.02 -38.58
N ARG D 462 -43.90 -37.27 -37.65
CA ARG D 462 -44.69 -36.31 -36.90
C ARG D 462 -45.36 -35.26 -37.82
N LEU D 463 -44.66 -34.85 -38.87
CA LEU D 463 -45.18 -33.88 -39.82
C LEU D 463 -46.34 -34.50 -40.58
N GLU D 464 -46.26 -35.80 -40.85
CA GLU D 464 -47.33 -36.47 -41.58
C GLU D 464 -48.63 -36.53 -40.78
N ARG D 465 -48.52 -36.62 -39.45
CA ARG D 465 -49.72 -36.67 -38.62
C ARG D 465 -50.49 -35.36 -38.66
N ALA D 466 -49.77 -34.26 -38.82
CA ALA D 466 -50.40 -32.95 -38.86
C ALA D 466 -51.04 -32.67 -40.21
N LEU D 467 -50.61 -33.39 -41.23
CA LEU D 467 -51.15 -33.19 -42.57
C LEU D 467 -52.20 -34.26 -42.89
N ALA D 468 -52.20 -35.34 -42.13
CA ALA D 468 -53.15 -36.43 -42.34
C ALA D 468 -54.57 -35.91 -42.18
#